data_1H3J
#
_entry.id   1H3J
#
_cell.length_a   127.180
_cell.length_b   75.530
_cell.length_c   76.600
_cell.angle_alpha   90.00
_cell.angle_beta   90.00
_cell.angle_gamma   90.00
#
_symmetry.space_group_name_H-M   'P 21 21 21'
#
loop_
_entity.id
_entity.type
_entity.pdbx_description
1 polymer Peroxidase
2 branched 2-acetamido-2-deoxy-beta-D-glucopyranose-(1-4)-2-acetamido-2-deoxy-beta-D-glucopyranose
3 non-polymer 'PROTOPORPHYRIN IX CONTAINING FE'
4 non-polymer 'CALCIUM ION'
5 non-polymer beta-D-mannopyranose
6 non-polymer 'MAGNESIUM ION'
7 water water
#
_entity_poly.entity_id   1
_entity_poly.type   'polypeptide(L)'
_entity_poly.pdbx_seq_one_letter_code
;GPGGGGSVTCPGGQSTSNSQCCVWFDVLDDLQTNFYQGSKCESPVRKILRIVFHDAIGFSPALTAAGQFGGGGADGSIIA
HSNIELAFPANGGLTDTVEALRAVGINHGVSFGDLIQFATAVGMSNCPGSPRLEFLTGRSNSSQPSPPSLIPGPGNTVTA
ILDRMGDAGFSPDEVVDLLAAHSLASQEGLNSAIFRSPLDSTPQVFDTQFYIETLLKGTTQPGPSLGFAEELSPFPGEFR
MRSDALLARDSRTACRWQSMTSSNEVMGQRYRAAMAKMSVLGFDRNALTDCSDVIPSAVSNNAAPVIPGGLTVDDIEVSC
PSEPFPEIATASGPLPSLAPAP
;
_entity_poly.pdbx_strand_id   A,B
#
loop_
_chem_comp.id
_chem_comp.type
_chem_comp.name
_chem_comp.formula
BMA D-saccharide, beta linking beta-D-mannopyranose 'C6 H12 O6'
CA non-polymer 'CALCIUM ION' 'Ca 2'
HEM non-polymer 'PROTOPORPHYRIN IX CONTAINING FE' 'C34 H32 Fe N4 O4'
MG non-polymer 'MAGNESIUM ION' 'Mg 2'
NAG D-saccharide, beta linking 2-acetamido-2-deoxy-beta-D-glucopyranose 'C8 H15 N O6'
#
# COMPACT_ATOMS: atom_id res chain seq x y z
N SER A 7 19.36 -5.36 -28.38
CA SER A 7 20.66 -4.76 -27.98
C SER A 7 21.01 -3.55 -28.85
N VAL A 8 21.97 -2.75 -28.39
CA VAL A 8 22.43 -1.59 -29.10
C VAL A 8 23.83 -1.27 -28.64
N THR A 9 24.63 -0.73 -29.54
CA THR A 9 26.00 -0.36 -29.23
C THR A 9 26.06 1.15 -29.20
N CYS A 10 26.32 1.71 -28.03
CA CYS A 10 26.38 3.14 -27.88
C CYS A 10 27.52 3.73 -28.62
N PRO A 11 27.44 5.04 -28.89
CA PRO A 11 28.42 5.84 -29.60
C PRO A 11 29.86 5.69 -29.13
N GLY A 12 30.09 5.15 -27.94
CA GLY A 12 31.44 4.98 -27.45
C GLY A 12 31.87 3.51 -27.39
N GLY A 13 31.12 2.64 -28.05
CA GLY A 13 31.47 1.23 -28.06
C GLY A 13 30.75 0.39 -27.03
N GLN A 14 30.27 1.04 -25.98
CA GLN A 14 29.59 0.33 -24.91
C GLN A 14 28.34 -0.32 -25.44
N SER A 15 28.22 -1.61 -25.20
CA SER A 15 27.07 -2.36 -25.63
C SER A 15 26.03 -2.34 -24.50
N THR A 16 24.75 -2.29 -24.87
CA THR A 16 23.70 -2.24 -23.87
C THR A 16 22.38 -2.73 -24.43
N SER A 17 21.41 -2.90 -23.56
CA SER A 17 20.12 -3.43 -23.93
C SER A 17 19.08 -2.46 -24.49
N ASN A 18 19.25 -1.14 -24.31
CA ASN A 18 18.26 -0.20 -24.83
C ASN A 18 18.98 1.09 -25.12
N SER A 19 18.60 1.77 -26.19
CA SER A 19 19.29 3.02 -26.53
C SER A 19 19.08 4.09 -25.46
N GLN A 20 18.08 3.92 -24.60
CA GLN A 20 17.85 4.88 -23.50
C GLN A 20 18.99 4.88 -22.49
N CYS A 21 19.69 3.75 -22.40
CA CYS A 21 20.80 3.59 -21.47
C CYS A 21 22.06 4.27 -21.91
N CYS A 22 22.16 4.63 -23.18
CA CYS A 22 23.41 5.21 -23.65
C CYS A 22 23.85 6.48 -22.99
N VAL A 23 22.92 7.36 -22.67
CA VAL A 23 23.33 8.64 -22.07
C VAL A 23 23.98 8.43 -20.72
N TRP A 24 23.57 7.35 -20.08
CA TRP A 24 24.04 7.01 -18.75
C TRP A 24 25.51 6.64 -18.67
N PHE A 25 26.10 6.30 -19.80
CA PHE A 25 27.52 5.99 -19.81
C PHE A 25 28.29 7.28 -19.69
N ASP A 26 27.74 8.37 -20.20
CA ASP A 26 28.44 9.64 -20.09
C ASP A 26 28.24 10.18 -18.69
N VAL A 27 27.04 10.01 -18.16
CA VAL A 27 26.74 10.46 -16.81
C VAL A 27 27.68 9.72 -15.85
N LEU A 28 27.87 8.42 -16.05
CA LEU A 28 28.76 7.64 -15.19
C LEU A 28 30.17 8.22 -15.20
N ASP A 29 30.71 8.46 -16.39
CA ASP A 29 32.06 9.01 -16.52
C ASP A 29 32.18 10.37 -15.85
N ASP A 30 31.14 11.18 -15.95
CA ASP A 30 31.15 12.49 -15.32
C ASP A 30 31.12 12.35 -13.79
N LEU A 31 30.17 11.57 -13.29
CA LEU A 31 30.05 11.37 -11.85
C LEU A 31 31.31 10.81 -11.22
N GLN A 32 31.83 9.73 -11.78
CA GLN A 32 33.04 9.11 -11.26
C GLN A 32 34.25 10.01 -11.25
N THR A 33 34.36 10.88 -12.26
CA THR A 33 35.51 11.79 -12.38
C THR A 33 35.41 13.05 -11.52
N ASN A 34 34.23 13.65 -11.51
CA ASN A 34 34.05 14.89 -10.81
C ASN A 34 33.32 14.83 -9.48
N PHE A 35 32.05 14.44 -9.48
CA PHE A 35 31.32 14.38 -8.23
C PHE A 35 32.02 13.44 -7.23
N TYR A 36 32.45 12.27 -7.69
CA TYR A 36 33.12 11.29 -6.81
C TYR A 36 34.64 11.37 -6.79
N GLN A 37 35.19 12.45 -7.33
CA GLN A 37 36.62 12.71 -7.36
C GLN A 37 37.52 11.55 -7.68
N GLY A 38 37.13 10.78 -8.68
CA GLY A 38 37.96 9.64 -9.03
C GLY A 38 37.47 8.33 -8.46
N SER A 39 36.16 8.13 -8.48
CA SER A 39 35.54 6.91 -8.00
C SER A 39 35.78 6.58 -6.54
N LYS A 40 35.79 7.60 -5.69
CA LYS A 40 36.00 7.42 -4.26
C LYS A 40 34.71 7.17 -3.47
N CYS A 41 34.87 6.61 -2.26
CA CYS A 41 33.75 6.33 -1.36
C CYS A 41 33.91 7.23 -0.12
N GLU A 42 33.67 8.51 -0.32
CA GLU A 42 33.80 9.49 0.74
C GLU A 42 32.51 10.27 0.97
N SER A 43 32.62 11.47 1.51
CA SER A 43 31.41 12.23 1.81
C SER A 43 30.33 12.29 0.71
N PRO A 44 30.71 12.62 -0.55
CA PRO A 44 29.69 12.68 -1.61
C PRO A 44 28.76 11.47 -1.68
N VAL A 45 29.28 10.25 -1.54
CA VAL A 45 28.40 9.06 -1.57
C VAL A 45 27.44 9.06 -0.38
N ARG A 46 27.94 9.48 0.78
CA ARG A 46 27.15 9.50 2.01
C ARG A 46 26.02 10.53 1.92
N LYS A 47 26.34 11.70 1.39
CA LYS A 47 25.38 12.77 1.18
C LYS A 47 24.31 12.33 0.17
N ILE A 48 24.75 11.64 -0.90
CA ILE A 48 23.84 11.21 -1.93
C ILE A 48 22.86 10.18 -1.41
N LEU A 49 23.31 9.33 -0.48
CA LEU A 49 22.46 8.31 0.13
C LEU A 49 21.38 8.96 1.02
N ARG A 50 21.73 10.08 1.67
CA ARG A 50 20.77 10.85 2.48
C ARG A 50 19.75 11.42 1.48
N ILE A 51 20.27 11.96 0.40
CA ILE A 51 19.43 12.56 -0.63
C ILE A 51 18.44 11.58 -1.25
N VAL A 52 18.86 10.40 -1.65
CA VAL A 52 17.91 9.48 -2.23
C VAL A 52 16.74 9.16 -1.29
N PHE A 53 17.03 8.87 -0.03
CA PHE A 53 16.00 8.57 0.97
C PHE A 53 15.07 9.78 1.19
N HIS A 54 15.65 10.99 1.36
CA HIS A 54 14.83 12.19 1.59
C HIS A 54 14.01 12.60 0.37
N ASP A 55 14.50 12.31 -0.84
CA ASP A 55 13.72 12.61 -2.04
C ASP A 55 12.57 11.65 -2.14
N ALA A 56 12.86 10.35 -2.06
CA ALA A 56 11.85 9.33 -2.20
C ALA A 56 10.82 9.23 -1.13
N ILE A 57 11.19 9.52 0.11
CA ILE A 57 10.24 9.38 1.20
C ILE A 57 9.10 10.43 1.28
N GLY A 58 9.21 11.49 0.46
CA GLY A 58 8.17 12.51 0.40
C GLY A 58 7.07 11.90 -0.47
N PHE A 59 6.39 10.91 0.10
CA PHE A 59 5.36 10.18 -0.60
C PHE A 59 4.44 9.67 0.48
N SER A 60 3.14 9.91 0.35
CA SER A 60 2.20 9.50 1.39
C SER A 60 0.82 9.13 0.91
N PRO A 61 0.57 7.83 0.74
CA PRO A 61 -0.73 7.35 0.30
C PRO A 61 -1.82 7.84 1.24
N ALA A 62 -1.50 8.00 2.52
CA ALA A 62 -2.49 8.49 3.49
C ALA A 62 -2.95 9.91 3.16
N LEU A 63 -2.02 10.78 2.83
CA LEU A 63 -2.42 12.14 2.51
C LEU A 63 -3.26 12.13 1.23
N THR A 64 -2.88 11.29 0.29
CA THR A 64 -3.60 11.22 -0.96
C THR A 64 -5.04 10.72 -0.78
N ALA A 65 -5.24 9.68 0.02
CA ALA A 65 -6.58 9.12 0.25
C ALA A 65 -7.48 10.17 0.89
N ALA A 66 -6.86 11.11 1.58
CA ALA A 66 -7.60 12.17 2.25
C ALA A 66 -7.83 13.40 1.34
N GLY A 67 -7.39 13.32 0.10
CA GLY A 67 -7.60 14.43 -0.83
C GLY A 67 -6.53 15.48 -0.84
N GLN A 68 -5.42 15.25 -0.17
CA GLN A 68 -4.37 16.24 -0.15
C GLN A 68 -3.23 15.73 -1.01
N PHE A 69 -2.30 16.60 -1.34
CA PHE A 69 -1.15 16.18 -2.15
C PHE A 69 -0.23 15.43 -1.20
N GLY A 70 0.12 14.20 -1.55
CA GLY A 70 0.99 13.41 -0.71
C GLY A 70 2.46 13.39 -1.10
N GLY A 71 2.84 14.10 -2.17
CA GLY A 71 4.23 14.10 -2.60
C GLY A 71 4.40 13.11 -3.75
N GLY A 72 5.34 13.39 -4.64
CA GLY A 72 5.57 12.51 -5.78
C GLY A 72 6.63 11.42 -5.65
N GLY A 73 7.13 11.20 -4.44
CA GLY A 73 8.14 10.17 -4.21
C GLY A 73 9.49 10.47 -4.80
N ALA A 74 10.04 9.47 -5.49
CA ALA A 74 11.36 9.56 -6.13
C ALA A 74 11.36 10.36 -7.43
N ASP A 75 10.88 11.61 -7.33
CA ASP A 75 10.74 12.51 -8.47
C ASP A 75 11.80 13.59 -8.61
N GLY A 76 12.85 13.55 -7.80
CA GLY A 76 13.87 14.58 -7.89
C GLY A 76 13.41 15.95 -7.40
N SER A 77 12.26 16.00 -6.71
CA SER A 77 11.73 17.27 -6.16
C SER A 77 12.69 17.98 -5.24
N ILE A 78 13.51 17.19 -4.54
CA ILE A 78 14.50 17.73 -3.62
C ILE A 78 15.50 18.65 -4.33
N ILE A 79 15.67 18.44 -5.65
CA ILE A 79 16.56 19.28 -6.46
C ILE A 79 15.70 20.35 -7.17
N ALA A 80 14.67 19.92 -7.91
CA ALA A 80 13.81 20.86 -8.63
C ALA A 80 13.24 21.94 -7.69
N HIS A 81 12.85 21.55 -6.48
CA HIS A 81 12.26 22.46 -5.50
C HIS A 81 13.07 22.56 -4.22
N SER A 82 14.38 22.57 -4.36
CA SER A 82 15.27 22.65 -3.22
C SER A 82 15.04 23.92 -2.40
N ASN A 83 14.55 24.96 -3.06
CA ASN A 83 14.28 26.22 -2.40
C ASN A 83 13.31 26.00 -1.24
N ILE A 84 12.39 25.06 -1.42
CA ILE A 84 11.42 24.70 -0.39
C ILE A 84 11.95 23.56 0.49
N GLU A 85 12.32 22.46 -0.15
CA GLU A 85 12.74 21.25 0.57
C GLU A 85 14.02 21.33 1.39
N LEU A 86 14.98 22.10 0.92
CA LEU A 86 16.20 22.17 1.67
C LEU A 86 16.11 22.97 2.98
N ALA A 87 14.94 23.56 3.22
CA ALA A 87 14.69 24.33 4.46
C ALA A 87 14.02 23.41 5.49
N PHE A 88 13.66 22.20 5.07
CA PHE A 88 13.08 21.24 6.00
C PHE A 88 14.20 20.91 7.00
N PRO A 89 13.90 20.83 8.31
CA PRO A 89 14.88 20.51 9.35
C PRO A 89 15.77 19.29 9.04
N ALA A 90 15.18 18.23 8.51
CA ALA A 90 15.94 17.03 8.20
C ALA A 90 16.84 17.13 6.98
N ASN A 91 16.82 18.26 6.26
CA ASN A 91 17.60 18.40 5.02
C ASN A 91 18.77 19.31 5.05
N GLY A 92 19.35 19.45 6.22
CA GLY A 92 20.52 20.33 6.36
C GLY A 92 21.80 19.66 5.88
N GLY A 93 22.78 20.48 5.49
CA GLY A 93 24.06 19.99 5.01
C GLY A 93 24.03 19.29 3.66
N LEU A 94 23.06 19.67 2.83
CA LEU A 94 22.85 19.07 1.51
C LEU A 94 22.95 20.05 0.34
N THR A 95 22.86 21.35 0.60
CA THR A 95 22.93 22.35 -0.45
C THR A 95 23.98 22.09 -1.54
N ASP A 96 25.24 22.02 -1.16
CA ASP A 96 26.37 21.83 -2.09
C ASP A 96 26.26 20.57 -2.92
N THR A 97 25.76 19.50 -2.32
CA THR A 97 25.62 18.26 -3.05
C THR A 97 24.49 18.43 -4.07
N VAL A 98 23.37 19.01 -3.63
CA VAL A 98 22.23 19.25 -4.52
C VAL A 98 22.61 20.15 -5.70
N GLU A 99 23.45 21.16 -5.48
CA GLU A 99 23.82 22.02 -6.60
C GLU A 99 24.74 21.30 -7.57
N ALA A 100 25.61 20.45 -7.02
CA ALA A 100 26.50 19.65 -7.85
C ALA A 100 25.65 18.75 -8.74
N LEU A 101 24.65 18.09 -8.15
CA LEU A 101 23.79 17.19 -8.92
C LEU A 101 22.92 17.94 -9.94
N ARG A 102 22.44 19.13 -9.56
CA ARG A 102 21.60 19.94 -10.45
C ARG A 102 22.33 20.19 -11.77
N ALA A 103 23.62 20.51 -11.68
CA ALA A 103 24.43 20.79 -12.85
C ALA A 103 24.64 19.56 -13.73
N VAL A 104 24.90 18.39 -13.16
CA VAL A 104 25.08 17.26 -14.05
C VAL A 104 23.81 16.84 -14.79
N GLY A 105 22.67 16.90 -14.12
CA GLY A 105 21.41 16.55 -14.78
C GLY A 105 21.06 17.49 -15.93
N ILE A 106 21.27 18.78 -15.68
CA ILE A 106 21.00 19.81 -16.67
C ILE A 106 21.93 19.60 -17.87
N ASN A 107 23.23 19.38 -17.62
CA ASN A 107 24.22 19.14 -18.69
C ASN A 107 23.93 17.91 -19.55
N HIS A 108 23.49 16.83 -18.93
CA HIS A 108 23.23 15.63 -19.69
C HIS A 108 21.81 15.44 -20.13
N GLY A 109 20.92 16.33 -19.69
CA GLY A 109 19.53 16.26 -20.08
C GLY A 109 18.80 15.06 -19.55
N VAL A 110 19.11 14.69 -18.32
CA VAL A 110 18.46 13.54 -17.67
C VAL A 110 17.58 14.12 -16.54
N SER A 111 16.47 13.45 -16.23
CA SER A 111 15.61 13.96 -15.16
C SER A 111 16.29 13.89 -13.80
N PHE A 112 15.97 14.86 -12.93
CA PHE A 112 16.53 14.91 -11.59
C PHE A 112 16.22 13.63 -10.80
N GLY A 113 15.05 13.04 -11.04
CA GLY A 113 14.64 11.79 -10.39
C GLY A 113 15.48 10.57 -10.77
N ASP A 114 15.77 10.39 -12.06
CA ASP A 114 16.60 9.30 -12.52
C ASP A 114 18.02 9.51 -12.03
N LEU A 115 18.48 10.76 -12.12
CA LEU A 115 19.85 11.10 -11.75
C LEU A 115 20.18 10.73 -10.30
N ILE A 116 19.23 11.00 -9.40
CA ILE A 116 19.43 10.68 -7.99
C ILE A 116 19.58 9.18 -7.80
N GLN A 117 18.76 8.39 -8.48
CA GLN A 117 18.84 6.93 -8.37
C GLN A 117 20.13 6.42 -8.98
N PHE A 118 20.53 6.98 -10.12
CA PHE A 118 21.78 6.58 -10.78
C PHE A 118 22.97 6.94 -9.90
N ALA A 119 23.05 8.18 -9.42
CA ALA A 119 24.18 8.58 -8.58
C ALA A 119 24.31 7.70 -7.33
N THR A 120 23.19 7.24 -6.81
CA THR A 120 23.16 6.36 -5.64
C THR A 120 23.82 4.99 -5.97
N ALA A 121 23.35 4.37 -7.06
CA ALA A 121 23.87 3.07 -7.53
C ALA A 121 25.35 3.18 -7.90
N VAL A 122 25.73 4.27 -8.55
CA VAL A 122 27.12 4.45 -8.92
C VAL A 122 28.00 4.68 -7.69
N GLY A 123 27.59 5.61 -6.84
CA GLY A 123 28.34 5.91 -5.64
C GLY A 123 28.57 4.67 -4.80
N MET A 124 27.55 3.85 -4.63
CA MET A 124 27.73 2.65 -3.83
C MET A 124 28.74 1.64 -4.42
N SER A 125 28.91 1.65 -5.75
CA SER A 125 29.84 0.74 -6.39
C SER A 125 31.26 1.08 -5.97
N ASN A 126 31.47 2.30 -5.48
CA ASN A 126 32.80 2.74 -5.03
C ASN A 126 33.17 2.29 -3.63
N CYS A 127 32.21 1.70 -2.92
CA CYS A 127 32.43 1.24 -1.56
C CYS A 127 32.48 -0.29 -1.49
N PRO A 128 33.62 -0.88 -1.08
CA PRO A 128 33.76 -2.33 -0.99
C PRO A 128 32.62 -2.94 -0.22
N GLY A 129 32.14 -4.08 -0.69
CA GLY A 129 31.07 -4.78 -0.02
C GLY A 129 29.66 -4.51 -0.54
N SER A 130 29.47 -3.40 -1.26
CA SER A 130 28.15 -3.03 -1.76
C SER A 130 27.56 -3.93 -2.82
N PRO A 131 26.24 -4.15 -2.77
CA PRO A 131 25.60 -4.98 -3.78
C PRO A 131 25.46 -4.11 -5.05
N ARG A 132 24.98 -4.67 -6.14
CA ARG A 132 24.85 -3.90 -7.36
C ARG A 132 23.40 -3.50 -7.44
N LEU A 133 23.13 -2.22 -7.24
CA LEU A 133 21.75 -1.72 -7.25
C LEU A 133 21.12 -1.70 -8.62
N GLU A 134 19.86 -2.07 -8.68
CA GLU A 134 19.10 -2.02 -9.91
C GLU A 134 18.98 -0.53 -10.34
N PHE A 135 18.95 -0.28 -11.65
CA PHE A 135 18.81 1.08 -12.17
C PHE A 135 17.78 1.18 -13.30
N LEU A 136 16.65 1.85 -13.06
CA LEU A 136 15.59 2.05 -14.05
C LEU A 136 15.63 3.53 -14.46
N THR A 137 15.35 3.84 -15.73
CA THR A 137 15.36 5.20 -16.24
C THR A 137 13.98 5.54 -16.86
N GLY A 138 13.65 6.82 -16.91
CA GLY A 138 12.36 7.19 -17.46
C GLY A 138 11.45 8.04 -16.58
N ARG A 139 11.82 8.29 -15.32
CA ARG A 139 10.98 9.11 -14.45
C ARG A 139 10.88 10.51 -15.06
N SER A 140 9.67 11.05 -15.10
CA SER A 140 9.42 12.39 -15.63
C SER A 140 10.28 13.39 -14.88
N ASN A 141 10.70 14.47 -15.53
CA ASN A 141 11.50 15.50 -14.86
C ASN A 141 10.61 16.48 -14.07
N SER A 142 9.29 16.44 -14.29
CA SER A 142 8.40 17.35 -13.59
C SER A 142 8.04 16.81 -12.21
N SER A 143 7.91 17.72 -11.25
CA SER A 143 7.56 17.35 -9.87
C SER A 143 7.04 18.57 -9.11
N GLN A 144 6.38 18.31 -7.99
CA GLN A 144 5.86 19.34 -7.11
C GLN A 144 6.65 19.19 -5.81
N PRO A 145 6.78 20.28 -5.03
CA PRO A 145 7.54 20.21 -3.78
C PRO A 145 6.87 19.16 -2.89
N SER A 146 7.68 18.49 -2.08
CA SER A 146 7.16 17.47 -1.16
C SER A 146 6.47 18.19 0.00
N PRO A 147 5.37 17.61 0.54
CA PRO A 147 4.74 18.25 1.67
C PRO A 147 5.77 18.16 2.82
N PRO A 148 5.69 19.04 3.83
CA PRO A 148 6.65 18.96 4.94
C PRO A 148 6.29 17.84 5.90
N SER A 149 7.18 17.56 6.86
CA SER A 149 6.95 16.53 7.88
C SER A 149 6.72 15.07 7.43
N LEU A 150 7.44 14.66 6.38
CA LEU A 150 7.32 13.30 5.86
C LEU A 150 8.61 12.45 6.05
N ILE A 151 9.68 13.10 6.49
CA ILE A 151 10.96 12.45 6.70
C ILE A 151 11.16 12.10 8.17
N PRO A 152 11.34 10.79 8.51
CA PRO A 152 11.55 10.40 9.91
C PRO A 152 12.78 11.11 10.50
N GLY A 153 12.70 11.52 11.76
CA GLY A 153 13.82 12.19 12.40
C GLY A 153 14.47 11.32 13.47
N PRO A 154 15.71 11.63 13.85
CA PRO A 154 16.43 10.84 14.87
C PRO A 154 15.86 10.92 16.28
N GLY A 155 14.95 11.86 16.53
CA GLY A 155 14.34 11.99 17.86
C GLY A 155 12.97 11.32 17.89
N ASN A 156 12.54 10.77 16.77
CA ASN A 156 11.24 10.10 16.70
C ASN A 156 11.18 8.74 17.42
N THR A 157 9.97 8.39 17.89
CA THR A 157 9.78 7.10 18.53
C THR A 157 9.74 6.01 17.45
N VAL A 158 9.94 4.76 17.85
CA VAL A 158 9.89 3.66 16.92
C VAL A 158 8.49 3.61 16.33
N THR A 159 7.47 3.86 17.15
CA THR A 159 6.09 3.84 16.64
C THR A 159 5.95 4.87 15.54
N ALA A 160 6.46 6.07 15.78
CA ALA A 160 6.37 7.12 14.80
C ALA A 160 7.10 6.78 13.50
N ILE A 161 8.31 6.21 13.60
CA ILE A 161 9.11 5.85 12.43
C ILE A 161 8.41 4.77 11.62
N LEU A 162 7.90 3.75 12.31
CA LEU A 162 7.22 2.66 11.65
C LEU A 162 5.93 3.11 10.99
N ASP A 163 5.17 4.00 11.61
CA ASP A 163 3.91 4.49 11.01
C ASP A 163 4.18 5.26 9.70
N ARG A 164 5.15 6.16 9.75
CA ARG A 164 5.52 6.97 8.59
C ARG A 164 6.02 6.04 7.47
N MET A 165 7.02 5.23 7.77
CA MET A 165 7.57 4.31 6.77
C MET A 165 6.51 3.34 6.29
N GLY A 166 5.63 2.91 7.20
CA GLY A 166 4.56 1.97 6.87
C GLY A 166 3.60 2.60 5.87
N ASP A 167 3.33 3.89 6.06
CA ASP A 167 2.46 4.65 5.15
C ASP A 167 3.07 4.69 3.75
N ALA A 168 4.38 4.94 3.65
CA ALA A 168 5.11 4.99 2.38
C ALA A 168 5.08 3.64 1.68
N GLY A 169 4.89 2.59 2.48
CA GLY A 169 4.77 1.25 1.98
C GLY A 169 5.80 0.27 2.46
N PHE A 170 6.53 0.57 3.53
CA PHE A 170 7.56 -0.35 4.04
C PHE A 170 7.19 -1.05 5.33
N SER A 171 7.48 -2.34 5.42
CA SER A 171 7.20 -3.12 6.64
C SER A 171 8.33 -2.83 7.62
N PRO A 172 8.18 -3.25 8.89
CA PRO A 172 9.22 -3.02 9.89
C PRO A 172 10.52 -3.67 9.45
N ASP A 173 10.42 -4.86 8.84
CA ASP A 173 11.61 -5.57 8.33
C ASP A 173 12.35 -4.73 7.31
N GLU A 174 11.60 -4.18 6.35
CA GLU A 174 12.20 -3.35 5.31
C GLU A 174 12.83 -2.07 5.86
N VAL A 175 12.25 -1.54 6.94
CA VAL A 175 12.82 -0.37 7.60
C VAL A 175 14.23 -0.72 8.11
N VAL A 176 14.36 -1.86 8.76
CA VAL A 176 15.64 -2.31 9.27
C VAL A 176 16.61 -2.56 8.08
N ASP A 177 16.12 -3.16 6.98
CA ASP A 177 16.96 -3.43 5.80
C ASP A 177 17.49 -2.15 5.15
N LEU A 178 16.62 -1.14 5.03
CA LEU A 178 16.97 0.14 4.43
C LEU A 178 18.05 0.86 5.26
N LEU A 179 18.03 0.62 6.56
CA LEU A 179 19.02 1.23 7.46
C LEU A 179 20.44 0.71 7.29
N ALA A 180 20.66 -0.24 6.39
CA ALA A 180 22.01 -0.77 6.16
C ALA A 180 22.87 0.38 5.62
N ALA A 181 22.20 1.41 5.06
CA ALA A 181 22.93 2.57 4.55
C ALA A 181 23.75 3.29 5.62
N HIS A 182 23.39 3.11 6.90
CA HIS A 182 24.14 3.73 8.00
C HIS A 182 25.49 3.03 8.22
N SER A 183 25.72 1.95 7.48
CA SER A 183 27.00 1.28 7.52
C SER A 183 28.01 2.13 6.74
N LEU A 184 27.54 3.16 6.02
CA LEU A 184 28.41 4.08 5.24
C LEU A 184 27.93 5.46 5.67
N ALA A 185 28.11 5.80 6.95
CA ALA A 185 27.57 7.04 7.48
C ALA A 185 28.34 7.69 8.60
N SER A 186 28.11 8.99 8.74
CA SER A 186 28.69 9.81 9.78
C SER A 186 27.61 10.87 10.06
N GLN A 187 27.85 11.78 11.00
CA GLN A 187 26.92 12.86 11.27
C GLN A 187 27.72 14.12 11.26
N GLU A 188 27.18 15.19 10.71
CA GLU A 188 27.89 16.45 10.69
C GLU A 188 27.06 17.47 11.45
N GLY A 189 25.75 17.26 11.48
CA GLY A 189 24.89 18.19 12.15
C GLY A 189 24.33 17.85 13.53
N LEU A 190 24.43 16.62 14.01
CA LEU A 190 23.86 16.33 15.34
C LEU A 190 24.78 16.81 16.48
N ASN A 191 26.10 16.81 16.25
CA ASN A 191 27.09 17.24 17.24
C ASN A 191 28.27 17.69 16.42
N SER A 192 28.24 18.96 16.06
CA SER A 192 29.28 19.55 15.24
C SER A 192 30.67 19.49 15.88
N ALA A 193 30.73 19.25 17.19
CA ALA A 193 32.03 19.17 17.87
C ALA A 193 32.79 17.93 17.45
N ILE A 194 32.06 16.90 17.01
CA ILE A 194 32.67 15.65 16.50
C ILE A 194 32.17 15.44 15.06
N PHE A 195 32.48 16.44 14.22
CA PHE A 195 32.05 16.51 12.82
C PHE A 195 32.55 15.28 12.08
N ARG A 196 31.62 14.59 11.45
CA ARG A 196 31.89 13.36 10.68
C ARG A 196 32.28 12.11 11.47
N SER A 197 31.87 12.08 12.73
CA SER A 197 32.09 10.91 13.57
C SER A 197 31.20 9.86 12.89
N PRO A 198 31.78 8.67 12.55
CA PRO A 198 31.06 7.59 11.89
C PRO A 198 30.06 6.86 12.76
N LEU A 199 29.11 6.22 12.11
CA LEU A 199 28.08 5.46 12.78
C LEU A 199 28.55 4.01 13.00
N ASP A 200 29.63 3.62 12.33
CA ASP A 200 30.21 2.27 12.54
C ASP A 200 31.72 2.34 12.33
N SER A 201 32.45 1.29 12.71
CA SER A 201 33.90 1.35 12.59
C SER A 201 34.46 1.35 11.15
N THR A 202 33.60 1.08 10.18
CA THR A 202 33.98 1.01 8.76
C THR A 202 33.02 1.83 7.89
N PRO A 203 33.12 3.18 7.95
CA PRO A 203 32.26 4.11 7.18
C PRO A 203 32.52 4.05 5.68
N GLN A 204 33.59 3.34 5.27
CA GLN A 204 33.91 3.15 3.84
C GLN A 204 33.70 1.68 3.40
N VAL A 205 33.03 0.88 4.24
CA VAL A 205 32.76 -0.50 3.88
C VAL A 205 31.30 -0.86 4.14
N PHE A 206 30.60 -1.30 3.10
CA PHE A 206 29.21 -1.65 3.27
C PHE A 206 29.24 -3.05 3.89
N ASP A 207 29.14 -3.07 5.21
CA ASP A 207 29.19 -4.31 6.00
C ASP A 207 28.22 -4.31 7.20
N THR A 208 28.10 -5.45 7.87
CA THR A 208 27.20 -5.60 9.01
C THR A 208 27.65 -4.93 10.31
N GLN A 209 28.83 -4.30 10.32
CA GLN A 209 29.33 -3.64 11.53
C GLN A 209 28.32 -2.72 12.25
N PHE A 210 27.54 -1.98 11.47
CA PHE A 210 26.53 -1.07 12.00
C PHE A 210 25.54 -1.79 12.87
N TYR A 211 25.04 -2.92 12.41
CA TYR A 211 24.06 -3.67 13.18
C TYR A 211 24.67 -4.24 14.45
N ILE A 212 25.91 -4.67 14.37
CA ILE A 212 26.61 -5.25 15.52
C ILE A 212 26.92 -4.17 16.55
N GLU A 213 27.59 -3.12 16.11
CA GLU A 213 28.00 -2.04 16.97
C GLU A 213 26.91 -1.24 17.68
N THR A 214 25.74 -1.10 17.05
CA THR A 214 24.63 -0.38 17.69
C THR A 214 23.97 -1.22 18.79
N LEU A 215 24.23 -2.51 18.79
CA LEU A 215 23.66 -3.40 19.80
C LEU A 215 24.55 -3.55 21.03
N LEU A 216 25.76 -3.02 20.99
CA LEU A 216 26.65 -3.09 22.12
C LEU A 216 26.16 -2.10 23.20
N LYS A 217 26.55 -2.35 24.46
CA LYS A 217 26.19 -1.46 25.54
C LYS A 217 26.82 -0.10 25.28
N GLY A 218 26.03 0.97 25.47
CA GLY A 218 26.60 2.30 25.27
C GLY A 218 27.40 2.63 26.50
N THR A 219 28.66 3.02 26.34
CA THR A 219 29.52 3.30 27.49
C THR A 219 30.33 4.59 27.34
N THR A 220 30.34 5.12 26.13
CA THR A 220 31.18 6.26 25.84
C THR A 220 30.47 7.47 25.27
N GLN A 221 30.95 8.64 25.68
CA GLN A 221 30.46 9.93 25.20
C GLN A 221 31.67 10.38 24.38
N PRO A 222 31.58 10.26 23.06
CA PRO A 222 32.71 10.64 22.20
C PRO A 222 33.06 12.11 22.09
N GLY A 223 32.09 12.97 22.35
CA GLY A 223 32.34 14.38 22.22
C GLY A 223 32.33 15.07 23.55
N PRO A 224 32.59 16.39 23.55
CA PRO A 224 32.65 17.30 24.70
C PRO A 224 31.33 17.26 25.45
N SER A 225 30.25 17.05 24.70
CA SER A 225 28.93 16.96 25.24
C SER A 225 28.06 16.10 24.33
N LEU A 226 26.83 15.83 24.77
CA LEU A 226 25.87 15.04 24.02
C LEU A 226 25.09 15.97 23.11
N GLY A 227 25.04 15.65 21.82
CA GLY A 227 24.34 16.48 20.86
C GLY A 227 22.88 16.09 20.78
N PHE A 228 22.20 16.62 19.77
CA PHE A 228 20.80 16.32 19.59
C PHE A 228 20.67 14.86 19.18
N ALA A 229 19.76 14.14 19.85
CA ALA A 229 19.50 12.74 19.56
C ALA A 229 20.73 11.83 19.64
N GLU A 230 21.67 12.19 20.52
CA GLU A 230 22.86 11.40 20.71
C GLU A 230 22.78 10.51 21.96
N GLU A 231 23.14 9.23 21.80
CA GLU A 231 23.19 8.27 22.90
C GLU A 231 24.68 7.93 23.12
N LEU A 232 24.98 7.25 24.21
CA LEU A 232 26.35 6.86 24.50
C LEU A 232 26.68 5.76 23.46
N SER A 233 27.90 5.75 22.92
CA SER A 233 28.29 4.73 21.94
C SER A 233 29.23 3.71 22.60
N PRO A 234 29.70 2.69 21.84
CA PRO A 234 30.58 1.70 22.48
C PRO A 234 32.09 1.99 22.55
N PHE A 235 32.53 3.01 21.84
CA PHE A 235 33.94 3.38 21.84
C PHE A 235 34.21 4.77 21.32
N PRO A 236 35.37 5.33 21.63
CA PRO A 236 35.74 6.68 21.18
C PRO A 236 35.60 6.87 19.68
N GLY A 237 35.21 8.06 19.26
CA GLY A 237 35.05 8.33 17.85
C GLY A 237 33.74 7.92 17.18
N GLU A 238 33.06 6.91 17.72
CA GLU A 238 31.79 6.44 17.18
C GLU A 238 30.59 7.19 17.74
N PHE A 239 29.70 7.64 16.86
CA PHE A 239 28.50 8.35 17.29
C PHE A 239 27.35 7.37 17.24
N ARG A 240 26.43 7.43 18.20
CA ARG A 240 25.26 6.56 18.17
C ARG A 240 24.01 7.43 18.19
N MET A 241 23.13 7.34 17.20
CA MET A 241 21.94 8.17 17.25
C MET A 241 20.79 7.41 17.89
N ARG A 242 19.94 8.15 18.59
CA ARG A 242 18.82 7.59 19.30
C ARG A 242 17.91 6.65 18.53
N SER A 243 17.48 7.07 17.35
CA SER A 243 16.58 6.24 16.55
C SER A 243 17.21 4.87 16.27
N ASP A 244 18.50 4.84 15.91
CA ASP A 244 19.19 3.58 15.63
C ASP A 244 19.26 2.71 16.88
N ALA A 245 19.64 3.31 18.01
CA ALA A 245 19.73 2.58 19.27
C ALA A 245 18.36 2.02 19.63
N LEU A 246 17.28 2.78 19.36
CA LEU A 246 15.94 2.30 19.69
C LEU A 246 15.45 1.16 18.77
N LEU A 247 15.69 1.30 17.47
CA LEU A 247 15.28 0.28 16.49
C LEU A 247 16.00 -1.04 16.71
N ALA A 248 17.24 -0.99 17.18
CA ALA A 248 18.04 -2.18 17.46
C ALA A 248 17.44 -2.98 18.59
N ARG A 249 16.82 -2.27 19.53
CA ARG A 249 16.27 -2.89 20.72
C ARG A 249 14.78 -3.10 20.82
N ASP A 250 14.03 -2.43 19.96
CA ASP A 250 12.59 -2.55 19.98
C ASP A 250 12.14 -3.97 19.62
N SER A 251 11.09 -4.46 20.25
CA SER A 251 10.59 -5.80 19.99
C SER A 251 10.03 -6.04 18.60
N ARG A 252 9.62 -4.97 17.90
CA ARG A 252 9.08 -5.08 16.54
C ARG A 252 10.16 -5.17 15.48
N THR A 253 11.35 -4.71 15.82
CA THR A 253 12.44 -4.68 14.86
C THR A 253 13.74 -5.38 15.31
N ALA A 254 13.82 -5.78 16.58
CA ALA A 254 15.03 -6.37 17.12
C ALA A 254 15.51 -7.66 16.46
N CYS A 255 14.56 -8.52 16.12
CA CYS A 255 14.92 -9.79 15.51
C CYS A 255 15.49 -9.62 14.09
N ARG A 256 14.93 -8.69 13.32
CA ARG A 256 15.46 -8.44 11.98
C ARG A 256 16.85 -7.82 12.10
N TRP A 257 17.01 -6.87 13.02
CA TRP A 257 18.29 -6.19 13.23
C TRP A 257 19.36 -7.25 13.61
N GLN A 258 18.96 -8.16 14.50
CA GLN A 258 19.87 -9.21 14.96
C GLN A 258 20.29 -10.09 13.81
N SER A 259 19.35 -10.44 12.94
CA SER A 259 19.68 -11.30 11.79
C SER A 259 20.62 -10.66 10.76
N MET A 260 20.83 -9.34 10.86
CA MET A 260 21.70 -8.61 9.93
C MET A 260 23.15 -8.58 10.39
N THR A 261 23.42 -9.06 11.58
CA THR A 261 24.77 -9.03 12.13
C THR A 261 25.80 -10.00 11.55
N SER A 262 25.35 -11.20 11.21
CA SER A 262 26.24 -12.27 10.76
C SER A 262 26.66 -12.48 9.29
N SER A 263 25.89 -11.99 8.34
CA SER A 263 26.20 -12.22 6.95
C SER A 263 26.09 -10.97 6.10
N ASN A 264 27.23 -10.51 5.61
CA ASN A 264 27.24 -9.36 4.74
C ASN A 264 26.38 -9.64 3.50
N GLU A 265 26.48 -10.88 3.00
CA GLU A 265 25.74 -11.30 1.81
C GLU A 265 24.24 -11.10 1.99
N VAL A 266 23.69 -11.62 3.08
CA VAL A 266 22.28 -11.50 3.36
C VAL A 266 21.85 -10.03 3.56
N MET A 267 22.73 -9.24 4.16
CA MET A 267 22.42 -7.83 4.39
C MET A 267 22.22 -7.17 3.02
N GLY A 268 23.23 -7.33 2.16
CA GLY A 268 23.22 -6.76 0.82
C GLY A 268 22.00 -7.14 -0.01
N GLN A 269 21.60 -8.41 0.02
CA GLN A 269 20.44 -8.87 -0.72
C GLN A 269 19.20 -8.09 -0.32
N ARG A 270 18.97 -8.00 1.00
CA ARG A 270 17.78 -7.31 1.56
C ARG A 270 17.77 -5.82 1.27
N TYR A 271 18.94 -5.22 1.40
CA TYR A 271 19.06 -3.81 1.16
C TYR A 271 18.76 -3.48 -0.30
N ARG A 272 19.33 -4.26 -1.21
CA ARG A 272 19.12 -4.05 -2.65
C ARG A 272 17.63 -4.13 -2.95
N ALA A 273 16.98 -5.11 -2.38
CA ALA A 273 15.55 -5.28 -2.59
C ALA A 273 14.71 -4.09 -2.07
N ALA A 274 15.02 -3.61 -0.87
CA ALA A 274 14.28 -2.48 -0.28
C ALA A 274 14.56 -1.20 -1.08
N MET A 275 15.79 -1.02 -1.51
CA MET A 275 16.12 0.15 -2.32
C MET A 275 15.35 0.12 -3.68
N ALA A 276 15.28 -1.05 -4.33
CA ALA A 276 14.57 -1.18 -5.63
C ALA A 276 13.14 -0.69 -5.46
N LYS A 277 12.57 -1.03 -4.32
CA LYS A 277 11.21 -0.66 -3.94
C LYS A 277 11.09 0.84 -3.64
N MET A 278 12.11 1.41 -3.01
CA MET A 278 12.07 2.81 -2.70
C MET A 278 12.34 3.64 -3.92
N SER A 279 13.04 3.07 -4.90
CA SER A 279 13.42 3.82 -6.11
C SER A 279 12.25 4.16 -7.02
N VAL A 280 11.14 3.48 -6.84
CA VAL A 280 9.99 3.70 -7.67
C VAL A 280 8.75 4.18 -6.93
N LEU A 281 8.92 4.71 -5.71
CA LEU A 281 7.76 5.26 -4.99
C LEU A 281 7.29 6.43 -5.84
N GLY A 282 6.02 6.44 -6.22
CA GLY A 282 5.49 7.51 -7.04
C GLY A 282 5.43 7.16 -8.53
N PHE A 283 6.01 6.01 -8.92
CA PHE A 283 6.02 5.57 -10.32
C PHE A 283 5.62 4.11 -10.48
N ASP A 284 5.34 3.71 -11.73
CA ASP A 284 4.99 2.33 -12.05
C ASP A 284 6.25 1.77 -12.66
N ARG A 285 6.83 0.74 -12.04
CA ARG A 285 8.08 0.21 -12.55
C ARG A 285 8.00 -0.37 -13.95
N ASN A 286 6.86 -0.95 -14.32
CA ASN A 286 6.76 -1.49 -15.66
C ASN A 286 6.58 -0.40 -16.69
N ALA A 287 6.80 0.84 -16.29
CA ALA A 287 6.70 1.94 -17.22
C ALA A 287 8.10 2.49 -17.44
N LEU A 288 9.06 2.00 -16.66
CA LEU A 288 10.44 2.48 -16.73
C LEU A 288 11.33 1.53 -17.54
N THR A 289 12.51 1.98 -17.95
CA THR A 289 13.42 1.14 -18.69
C THR A 289 14.57 0.71 -17.80
N ASP A 290 14.91 -0.57 -17.88
CA ASP A 290 15.98 -1.14 -17.09
C ASP A 290 17.35 -0.94 -17.72
N CYS A 291 18.20 -0.20 -17.03
CA CYS A 291 19.55 0.06 -17.49
C CYS A 291 20.54 -0.39 -16.42
N SER A 292 20.17 -1.42 -15.67
CA SER A 292 21.04 -1.95 -14.58
C SER A 292 22.40 -2.35 -15.09
N ASP A 293 22.47 -2.72 -16.37
CA ASP A 293 23.73 -3.15 -16.99
C ASP A 293 24.79 -2.06 -17.00
N VAL A 294 24.38 -0.81 -16.79
CA VAL A 294 25.36 0.27 -16.78
C VAL A 294 26.09 0.33 -15.42
N ILE A 295 25.46 -0.15 -14.37
CA ILE A 295 26.04 -0.04 -13.03
C ILE A 295 27.29 -0.90 -12.76
N PRO A 296 28.42 -0.27 -12.40
CA PRO A 296 29.64 -1.03 -12.11
C PRO A 296 29.52 -1.87 -10.86
N SER A 297 30.43 -2.85 -10.71
CA SER A 297 30.43 -3.74 -9.55
C SER A 297 31.39 -3.23 -8.52
N ALA A 298 31.10 -3.45 -7.24
CA ALA A 298 32.03 -2.98 -6.21
C ALA A 298 33.01 -4.11 -5.89
N VAL A 299 34.17 -3.74 -5.35
CA VAL A 299 35.17 -4.73 -4.98
C VAL A 299 34.56 -5.48 -3.79
N SER A 300 34.93 -6.74 -3.62
CA SER A 300 34.36 -7.51 -2.54
C SER A 300 35.01 -7.21 -1.17
N ASN A 301 34.22 -7.38 -0.11
CA ASN A 301 34.74 -7.17 1.24
C ASN A 301 34.98 -8.59 1.73
N ASN A 302 36.20 -8.90 2.10
CA ASN A 302 36.49 -10.26 2.59
C ASN A 302 36.58 -10.39 4.11
N ALA A 303 36.64 -9.27 4.81
CA ALA A 303 36.72 -9.28 6.28
C ALA A 303 35.48 -9.94 6.85
N ALA A 304 35.61 -10.60 7.99
CA ALA A 304 34.46 -11.24 8.61
C ALA A 304 33.81 -10.29 9.61
N PRO A 305 32.49 -10.42 9.82
CA PRO A 305 31.82 -9.54 10.79
C PRO A 305 32.47 -9.85 12.13
N VAL A 306 32.87 -8.82 12.87
CA VAL A 306 33.51 -9.01 14.17
C VAL A 306 32.99 -8.09 15.27
N ILE A 307 33.11 -8.56 16.52
CA ILE A 307 32.78 -7.76 17.70
C ILE A 307 34.20 -7.26 17.97
N PRO A 308 34.42 -5.96 17.74
CA PRO A 308 35.72 -5.34 17.92
C PRO A 308 36.27 -5.11 19.33
N GLY A 309 37.55 -4.70 19.34
CA GLY A 309 38.28 -4.34 20.53
C GLY A 309 38.13 -5.02 21.87
N GLY A 310 37.95 -6.34 21.88
CA GLY A 310 37.82 -7.04 23.15
C GLY A 310 36.40 -7.26 23.67
N LEU A 311 35.40 -6.66 23.05
CA LEU A 311 34.04 -6.87 23.55
C LEU A 311 33.56 -8.28 23.15
N THR A 312 32.55 -8.80 23.85
CA THR A 312 32.08 -10.14 23.57
C THR A 312 30.58 -10.09 23.45
N VAL A 313 29.97 -11.26 23.24
CA VAL A 313 28.52 -11.32 23.14
C VAL A 313 27.91 -10.83 24.45
N ASP A 314 28.72 -10.83 25.50
CA ASP A 314 28.30 -10.38 26.83
C ASP A 314 28.04 -8.89 26.80
N ASP A 315 28.74 -8.18 25.91
CA ASP A 315 28.56 -6.74 25.79
C ASP A 315 27.49 -6.34 24.80
N ILE A 316 26.76 -7.32 24.29
CA ILE A 316 25.70 -7.12 23.34
C ILE A 316 24.40 -7.17 24.10
N GLU A 317 23.56 -6.16 23.90
CA GLU A 317 22.26 -6.11 24.56
C GLU A 317 21.25 -6.87 23.70
N VAL A 318 21.36 -8.20 23.75
CA VAL A 318 20.50 -9.09 22.98
C VAL A 318 19.05 -8.72 23.18
N SER A 319 18.36 -8.36 22.11
CA SER A 319 16.99 -7.93 22.18
C SER A 319 16.00 -8.78 21.45
N CYS A 320 16.48 -9.83 20.78
CA CYS A 320 15.56 -10.74 20.11
C CYS A 320 15.50 -12.01 20.97
N PRO A 321 14.33 -12.27 21.59
CA PRO A 321 14.19 -13.46 22.44
C PRO A 321 14.07 -14.74 21.63
N SER A 322 13.20 -14.72 20.64
CA SER A 322 12.94 -15.89 19.82
C SER A 322 14.16 -16.46 19.13
N GLU A 323 15.20 -15.66 18.96
CA GLU A 323 16.35 -16.17 18.27
C GLU A 323 17.63 -15.83 18.99
N PRO A 324 18.50 -16.82 19.14
CA PRO A 324 19.79 -16.67 19.82
C PRO A 324 20.73 -15.82 18.98
N PHE A 325 21.57 -15.06 19.65
CA PHE A 325 22.51 -14.23 18.94
C PHE A 325 23.53 -15.11 18.22
N PRO A 326 23.70 -14.88 16.91
CA PRO A 326 24.64 -15.66 16.09
C PRO A 326 26.09 -15.68 16.58
N GLU A 327 26.83 -16.69 16.14
CA GLU A 327 28.24 -16.80 16.49
C GLU A 327 28.99 -15.87 15.57
N ILE A 328 29.68 -14.90 16.13
CA ILE A 328 30.41 -13.92 15.34
C ILE A 328 31.85 -14.01 15.79
N ALA A 329 32.80 -13.56 14.98
CA ALA A 329 34.20 -13.56 15.33
C ALA A 329 34.45 -12.45 16.36
N THR A 330 35.36 -12.68 17.30
CA THR A 330 35.71 -11.72 18.33
C THR A 330 37.12 -11.23 18.10
N ALA A 331 37.32 -9.93 18.13
CA ALA A 331 38.63 -9.37 17.93
C ALA A 331 39.23 -9.11 19.31
N SER A 332 40.55 -8.96 19.36
CA SER A 332 41.23 -8.69 20.63
C SER A 332 41.31 -7.21 20.87
N GLY A 333 41.44 -6.83 22.14
CA GLY A 333 41.53 -5.42 22.52
C GLY A 333 42.76 -4.68 22.04
N PRO A 334 42.91 -3.40 22.38
CA PRO A 334 41.93 -2.68 23.21
C PRO A 334 40.80 -2.11 22.34
N LEU A 335 39.96 -1.30 22.98
CA LEU A 335 38.83 -0.63 22.35
C LEU A 335 39.38 0.33 21.29
N PRO A 336 38.81 0.29 20.07
CA PRO A 336 39.30 1.20 19.02
C PRO A 336 38.88 2.64 19.24
N SER A 337 39.54 3.56 18.57
CA SER A 337 39.19 4.97 18.67
C SER A 337 39.04 5.38 17.21
N LEU A 338 37.80 5.60 16.77
CA LEU A 338 37.53 5.97 15.38
C LEU A 338 37.92 7.36 14.99
N ALA A 339 38.45 7.43 13.77
CA ALA A 339 38.86 8.67 13.14
C ALA A 339 37.62 9.17 12.37
N PRO A 340 37.57 10.48 12.06
CA PRO A 340 36.45 11.05 11.32
C PRO A 340 36.36 10.37 9.96
N ALA A 341 35.13 10.20 9.47
CA ALA A 341 34.92 9.60 8.15
C ALA A 341 35.48 10.61 7.12
N PRO A 342 36.05 10.12 6.02
CA PRO A 342 36.62 10.98 4.98
C PRO A 342 35.61 11.82 4.17
N SER B 7 -22.75 -14.92 -33.96
CA SER B 7 -21.41 -14.44 -33.54
C SER B 7 -21.00 -13.24 -34.41
N VAL B 8 -20.26 -12.31 -33.81
CA VAL B 8 -19.82 -11.10 -34.48
C VAL B 8 -18.40 -10.80 -34.09
N THR B 9 -17.64 -10.24 -35.01
CA THR B 9 -16.27 -9.85 -34.74
C THR B 9 -16.26 -8.33 -34.73
N CYS B 10 -16.02 -7.75 -33.56
CA CYS B 10 -16.01 -6.32 -33.41
C CYS B 10 -14.79 -5.78 -34.06
N PRO B 11 -14.80 -4.48 -34.36
CA PRO B 11 -13.72 -3.74 -35.01
C PRO B 11 -12.30 -4.05 -34.52
N GLY B 12 -12.14 -4.29 -33.22
CA GLY B 12 -10.84 -4.58 -32.65
C GLY B 12 -10.39 -6.03 -32.62
N GLY B 13 -11.14 -6.90 -33.31
CA GLY B 13 -10.79 -8.31 -33.37
C GLY B 13 -11.56 -9.19 -32.42
N GLN B 14 -12.09 -8.59 -31.37
CA GLN B 14 -12.84 -9.32 -30.37
C GLN B 14 -14.12 -9.89 -30.91
N SER B 15 -14.32 -11.16 -30.60
CA SER B 15 -15.50 -11.89 -31.01
C SER B 15 -16.54 -11.86 -29.88
N THR B 16 -17.82 -11.88 -30.24
CA THR B 16 -18.87 -11.81 -29.24
C THR B 16 -20.17 -12.39 -29.78
N SER B 17 -21.21 -12.38 -28.96
CA SER B 17 -22.49 -12.95 -29.35
C SER B 17 -23.47 -11.97 -30.01
N ASN B 18 -23.27 -10.69 -29.83
CA ASN B 18 -24.22 -9.72 -30.36
C ASN B 18 -23.49 -8.43 -30.64
N SER B 19 -23.87 -7.73 -31.71
CA SER B 19 -23.21 -6.47 -32.06
C SER B 19 -23.41 -5.38 -31.01
N GLN B 20 -24.42 -5.55 -30.15
CA GLN B 20 -24.67 -4.60 -29.07
C GLN B 20 -23.54 -4.67 -28.03
N CYS B 21 -22.80 -5.78 -28.00
CA CYS B 21 -21.72 -5.94 -27.05
C CYS B 21 -20.44 -5.24 -27.45
N CYS B 22 -20.29 -4.87 -28.72
CA CYS B 22 -19.04 -4.26 -29.17
C CYS B 22 -18.59 -3.00 -28.48
N VAL B 23 -19.50 -2.06 -28.24
CA VAL B 23 -19.10 -0.81 -27.57
C VAL B 23 -18.48 -1.13 -26.19
N TRP B 24 -18.95 -2.19 -25.59
CA TRP B 24 -18.47 -2.57 -24.28
C TRP B 24 -16.99 -2.93 -24.17
N PHE B 25 -16.37 -3.36 -25.27
CA PHE B 25 -14.94 -3.64 -25.23
C PHE B 25 -14.19 -2.33 -25.11
N ASP B 26 -14.70 -1.27 -25.73
CA ASP B 26 -14.00 0.02 -25.61
C ASP B 26 -14.22 0.55 -24.21
N VAL B 27 -15.41 0.34 -23.66
CA VAL B 27 -15.67 0.80 -22.29
C VAL B 27 -14.72 0.05 -21.33
N LEU B 28 -14.55 -1.25 -21.52
CA LEU B 28 -13.68 -2.04 -20.65
C LEU B 28 -12.25 -1.50 -20.57
N ASP B 29 -11.66 -1.27 -21.73
CA ASP B 29 -10.30 -0.77 -21.79
C ASP B 29 -10.14 0.58 -21.11
N ASP B 30 -11.14 1.43 -21.27
CA ASP B 30 -11.11 2.74 -20.65
C ASP B 30 -11.15 2.59 -19.12
N LEU B 31 -12.17 1.89 -18.63
CA LEU B 31 -12.37 1.67 -17.20
C LEU B 31 -11.13 1.08 -16.59
N GLN B 32 -10.63 0.01 -17.20
CA GLN B 32 -9.44 -0.66 -16.69
C GLN B 32 -8.19 0.20 -16.65
N THR B 33 -8.01 1.04 -17.66
CA THR B 33 -6.84 1.89 -17.73
C THR B 33 -6.93 3.14 -16.87
N ASN B 34 -8.11 3.75 -16.83
CA ASN B 34 -8.29 5.00 -16.10
C ASN B 34 -9.02 4.94 -14.75
N PHE B 35 -10.28 4.56 -14.76
CA PHE B 35 -11.03 4.50 -13.51
C PHE B 35 -10.36 3.54 -12.52
N TYR B 36 -9.97 2.34 -12.97
CA TYR B 36 -9.37 1.35 -12.09
C TYR B 36 -7.89 1.43 -12.04
N GLN B 37 -7.36 2.48 -12.64
CA GLN B 37 -5.94 2.79 -12.65
C GLN B 37 -5.05 1.61 -12.98
N GLY B 38 -5.35 0.88 -14.03
CA GLY B 38 -4.51 -0.26 -14.33
C GLY B 38 -5.07 -1.56 -13.79
N SER B 39 -6.38 -1.72 -13.84
CA SER B 39 -7.00 -2.95 -13.41
C SER B 39 -6.78 -3.26 -11.95
N LYS B 40 -6.84 -2.26 -11.08
CA LYS B 40 -6.62 -2.52 -9.67
C LYS B 40 -7.91 -2.81 -8.90
N CYS B 41 -7.75 -3.37 -7.71
CA CYS B 41 -8.84 -3.68 -6.80
C CYS B 41 -8.70 -2.78 -5.55
N GLU B 42 -8.83 -1.47 -5.75
CA GLU B 42 -8.72 -0.53 -4.65
C GLU B 42 -10.03 0.25 -4.40
N SER B 43 -9.95 1.45 -3.80
CA SER B 43 -11.14 2.22 -3.47
C SER B 43 -12.20 2.35 -4.59
N PRO B 44 -11.78 2.57 -5.87
CA PRO B 44 -12.81 2.69 -6.92
C PRO B 44 -13.74 1.49 -7.07
N VAL B 45 -13.23 0.30 -6.82
CA VAL B 45 -14.08 -0.89 -6.94
C VAL B 45 -15.06 -0.87 -5.78
N ARG B 46 -14.55 -0.51 -4.61
CA ARG B 46 -15.39 -0.46 -3.42
C ARG B 46 -16.49 0.62 -3.54
N LYS B 47 -16.12 1.78 -4.06
CA LYS B 47 -17.10 2.86 -4.25
C LYS B 47 -18.18 2.48 -5.28
N ILE B 48 -17.76 1.80 -6.36
CA ILE B 48 -18.69 1.37 -7.40
C ILE B 48 -19.69 0.35 -6.85
N LEU B 49 -19.24 -0.54 -5.95
CA LEU B 49 -20.13 -1.53 -5.36
C LEU B 49 -21.20 -0.84 -4.48
N ARG B 50 -20.83 0.22 -3.75
CA ARG B 50 -21.81 0.99 -2.95
C ARG B 50 -22.78 1.63 -3.94
N ILE B 51 -22.24 2.19 -5.01
CA ILE B 51 -23.08 2.82 -6.03
C ILE B 51 -24.07 1.88 -6.68
N VAL B 52 -23.65 0.67 -7.10
CA VAL B 52 -24.60 -0.23 -7.74
C VAL B 52 -25.77 -0.61 -6.81
N PHE B 53 -25.49 -0.78 -5.52
CA PHE B 53 -26.51 -1.12 -4.55
C PHE B 53 -27.43 0.10 -4.34
N HIS B 54 -26.85 1.30 -4.18
CA HIS B 54 -27.67 2.49 -3.94
C HIS B 54 -28.50 2.94 -5.14
N ASP B 55 -28.03 2.67 -6.34
CA ASP B 55 -28.81 2.99 -7.51
C ASP B 55 -29.99 2.03 -7.64
N ALA B 56 -29.70 0.73 -7.55
CA ALA B 56 -30.72 -0.29 -7.74
C ALA B 56 -31.81 -0.43 -6.69
N ILE B 57 -31.44 -0.21 -5.43
CA ILE B 57 -32.36 -0.35 -4.32
C ILE B 57 -33.47 0.73 -4.27
N GLY B 58 -33.29 1.79 -5.06
CA GLY B 58 -34.29 2.83 -5.15
C GLY B 58 -35.41 2.31 -6.04
N PHE B 59 -36.16 1.36 -5.52
CA PHE B 59 -37.23 0.70 -6.22
C PHE B 59 -38.20 0.20 -5.15
N SER B 60 -39.48 0.58 -5.26
CA SER B 60 -40.42 0.18 -4.23
C SER B 60 -41.83 -0.16 -4.68
N PRO B 61 -42.11 -1.45 -4.82
CA PRO B 61 -43.44 -1.91 -5.23
C PRO B 61 -44.51 -1.38 -4.25
N ALA B 62 -44.14 -1.30 -2.97
CA ALA B 62 -45.04 -0.78 -1.95
C ALA B 62 -45.52 0.67 -2.25
N LEU B 63 -44.60 1.57 -2.61
CA LEU B 63 -45.01 2.95 -2.92
C LEU B 63 -45.88 3.01 -4.18
N THR B 64 -45.53 2.17 -5.14
CA THR B 64 -46.25 2.09 -6.40
C THR B 64 -47.68 1.64 -6.14
N ALA B 65 -47.86 0.79 -5.14
CA ALA B 65 -49.18 0.30 -4.76
C ALA B 65 -49.95 1.36 -3.99
N ALA B 66 -49.26 2.42 -3.61
CA ALA B 66 -49.88 3.53 -2.89
C ALA B 66 -50.09 4.66 -3.90
N GLY B 67 -49.92 4.33 -5.18
CA GLY B 67 -50.08 5.30 -6.23
C GLY B 67 -48.99 6.36 -6.25
N GLN B 68 -47.82 6.06 -5.73
CA GLN B 68 -46.74 7.02 -5.76
C GLN B 68 -45.63 6.43 -6.63
N PHE B 69 -44.66 7.27 -7.00
CA PHE B 69 -43.51 6.79 -7.80
C PHE B 69 -42.63 6.00 -6.83
N GLY B 70 -42.36 4.73 -7.14
CA GLY B 70 -41.53 3.89 -6.30
C GLY B 70 -40.07 3.83 -6.68
N GLY B 71 -39.64 4.62 -7.66
CA GLY B 71 -38.25 4.60 -8.09
C GLY B 71 -38.10 3.66 -9.28
N GLY B 72 -37.10 3.91 -10.12
CA GLY B 72 -36.85 3.07 -11.31
C GLY B 72 -35.86 1.90 -11.21
N GLY B 73 -35.30 1.66 -10.03
CA GLY B 73 -34.38 0.55 -9.86
C GLY B 73 -32.98 0.80 -10.40
N ALA B 74 -32.43 -0.20 -11.08
CA ALA B 74 -31.09 -0.12 -11.65
C ALA B 74 -31.04 0.75 -12.92
N ASP B 75 -31.47 2.00 -12.78
CA ASP B 75 -31.54 2.95 -13.89
C ASP B 75 -30.50 4.03 -14.05
N GLY B 76 -29.49 4.06 -13.20
CA GLY B 76 -28.46 5.08 -13.32
C GLY B 76 -28.93 6.43 -12.81
N SER B 77 -30.07 6.46 -12.13
CA SER B 77 -30.62 7.70 -11.56
C SER B 77 -29.64 8.37 -10.61
N ILE B 78 -28.81 7.58 -9.93
CA ILE B 78 -27.84 8.13 -8.96
C ILE B 78 -26.82 9.03 -9.69
N ILE B 79 -26.69 8.82 -11.01
CA ILE B 79 -25.78 9.63 -11.82
C ILE B 79 -26.61 10.71 -12.56
N ALA B 80 -27.68 10.29 -13.23
CA ALA B 80 -28.53 11.23 -13.97
C ALA B 80 -29.04 12.33 -13.03
N HIS B 81 -29.46 11.94 -11.82
CA HIS B 81 -29.97 12.89 -10.84
C HIS B 81 -29.17 12.95 -9.54
N SER B 82 -27.85 12.89 -9.68
CA SER B 82 -26.96 12.93 -8.53
C SER B 82 -27.19 14.19 -7.67
N ASN B 83 -27.62 15.26 -8.30
CA ASN B 83 -27.87 16.52 -7.59
C ASN B 83 -28.87 16.28 -6.45
N ILE B 84 -29.82 15.38 -6.70
CA ILE B 84 -30.82 15.03 -5.70
C ILE B 84 -30.33 13.85 -4.88
N GLU B 85 -29.93 12.77 -5.56
CA GLU B 85 -29.55 11.55 -4.84
C GLU B 85 -28.32 11.63 -3.99
N LEU B 86 -27.35 12.39 -4.43
CA LEU B 86 -26.16 12.45 -3.64
C LEU B 86 -26.30 13.26 -2.36
N ALA B 87 -27.48 13.86 -2.12
CA ALA B 87 -27.73 14.60 -0.87
C ALA B 87 -28.42 13.65 0.12
N PHE B 88 -28.71 12.41 -0.30
CA PHE B 88 -29.31 11.43 0.60
C PHE B 88 -28.21 11.09 1.62
N PRO B 89 -28.56 11.01 2.91
CA PRO B 89 -27.55 10.71 3.93
C PRO B 89 -26.73 9.45 3.67
N ALA B 90 -27.32 8.46 3.01
CA ALA B 90 -26.61 7.22 2.69
C ALA B 90 -25.63 7.30 1.48
N ASN B 91 -25.58 8.45 0.79
CA ASN B 91 -24.73 8.61 -0.41
C ASN B 91 -23.56 9.53 -0.31
N GLY B 92 -23.02 9.66 0.89
CA GLY B 92 -21.87 10.52 1.06
C GLY B 92 -20.59 9.81 0.58
N GLY B 93 -19.60 10.61 0.19
CA GLY B 93 -18.33 10.08 -0.29
C GLY B 93 -18.36 9.44 -1.67
N LEU B 94 -19.39 9.74 -2.45
CA LEU B 94 -19.50 9.18 -3.78
C LEU B 94 -19.40 10.19 -4.90
N THR B 95 -19.37 11.49 -4.61
CA THR B 95 -19.34 12.51 -5.67
C THR B 95 -18.32 12.30 -6.78
N ASP B 96 -17.07 12.12 -6.36
CA ASP B 96 -15.97 11.91 -7.28
C ASP B 96 -16.10 10.67 -8.15
N THR B 97 -16.54 9.59 -7.55
CA THR B 97 -16.74 8.37 -8.30
C THR B 97 -17.83 8.61 -9.34
N VAL B 98 -18.96 9.18 -8.93
CA VAL B 98 -20.08 9.46 -9.85
C VAL B 98 -19.69 10.35 -11.05
N GLU B 99 -18.86 11.36 -10.84
CA GLU B 99 -18.46 12.22 -11.94
C GLU B 99 -17.57 11.49 -12.90
N ALA B 100 -16.70 10.66 -12.35
CA ALA B 100 -15.81 9.88 -13.18
C ALA B 100 -16.66 9.02 -14.09
N LEU B 101 -17.67 8.35 -13.55
CA LEU B 101 -18.55 7.48 -14.33
C LEU B 101 -19.42 8.24 -15.32
N ARG B 102 -19.84 9.43 -14.93
CA ARG B 102 -20.64 10.25 -15.81
C ARG B 102 -19.90 10.49 -17.14
N ALA B 103 -18.63 10.86 -17.02
CA ALA B 103 -17.78 11.13 -18.17
C ALA B 103 -17.65 9.91 -19.10
N VAL B 104 -17.46 8.74 -18.53
CA VAL B 104 -17.33 7.54 -19.33
C VAL B 104 -18.62 7.23 -20.11
N GLY B 105 -19.76 7.35 -19.44
CA GLY B 105 -21.04 7.06 -20.09
C GLY B 105 -21.36 8.00 -21.23
N ILE B 106 -21.06 9.28 -21.01
CA ILE B 106 -21.30 10.30 -22.00
C ILE B 106 -20.35 10.09 -23.18
N ASN B 107 -19.06 9.83 -22.92
CA ASN B 107 -18.09 9.62 -24.02
C ASN B 107 -18.34 8.38 -24.89
N HIS B 108 -18.86 7.30 -24.31
CA HIS B 108 -19.09 6.10 -25.10
C HIS B 108 -20.52 5.97 -25.50
N GLY B 109 -21.32 6.92 -25.07
CA GLY B 109 -22.72 6.89 -25.41
C GLY B 109 -23.45 5.66 -24.94
N VAL B 110 -23.23 5.25 -23.68
CA VAL B 110 -23.93 4.08 -23.10
C VAL B 110 -24.88 4.58 -21.99
N SER B 111 -25.96 3.85 -21.70
CA SER B 111 -26.86 4.35 -20.65
C SER B 111 -26.14 4.32 -19.29
N PHE B 112 -26.54 5.21 -18.38
CA PHE B 112 -25.93 5.32 -17.06
C PHE B 112 -26.20 4.04 -16.26
N GLY B 113 -27.36 3.45 -16.45
CA GLY B 113 -27.72 2.22 -15.77
C GLY B 113 -26.89 1.00 -16.19
N ASP B 114 -26.71 0.82 -17.50
CA ASP B 114 -25.89 -0.28 -18.02
C ASP B 114 -24.46 -0.11 -17.52
N LEU B 115 -23.95 1.12 -17.65
CA LEU B 115 -22.60 1.47 -17.24
C LEU B 115 -22.28 1.09 -15.80
N ILE B 116 -23.22 1.35 -14.89
CA ILE B 116 -23.01 1.01 -13.49
C ILE B 116 -22.90 -0.53 -13.33
N GLN B 117 -23.79 -1.28 -13.99
CA GLN B 117 -23.76 -2.75 -13.95
C GLN B 117 -22.46 -3.27 -14.56
N PHE B 118 -22.04 -2.65 -15.66
CA PHE B 118 -20.79 -3.06 -16.31
C PHE B 118 -19.58 -2.77 -15.43
N ALA B 119 -19.45 -1.55 -14.93
CA ALA B 119 -18.32 -1.21 -14.08
C ALA B 119 -18.25 -2.09 -12.81
N THR B 120 -19.37 -2.56 -12.30
CA THR B 120 -19.38 -3.43 -11.13
C THR B 120 -18.78 -4.81 -11.49
N ALA B 121 -19.17 -5.35 -12.64
CA ALA B 121 -18.69 -6.66 -13.10
C ALA B 121 -17.21 -6.62 -13.44
N VAL B 122 -16.79 -5.54 -14.07
CA VAL B 122 -15.40 -5.41 -14.44
C VAL B 122 -14.55 -5.13 -13.20
N GLY B 123 -15.08 -4.31 -12.30
CA GLY B 123 -14.34 -3.97 -11.10
C GLY B 123 -14.06 -5.22 -10.29
N MET B 124 -15.08 -6.05 -10.11
CA MET B 124 -14.88 -7.27 -9.34
C MET B 124 -13.88 -8.26 -9.92
N SER B 125 -13.75 -8.28 -11.25
CA SER B 125 -12.83 -9.18 -11.92
C SER B 125 -11.39 -8.84 -11.56
N ASN B 126 -11.16 -7.63 -11.01
CA ASN B 126 -9.80 -7.24 -10.60
C ASN B 126 -9.48 -7.66 -9.16
N CYS B 127 -10.45 -8.23 -8.47
CA CYS B 127 -10.26 -8.65 -7.10
C CYS B 127 -10.22 -10.16 -7.06
N PRO B 128 -9.10 -10.76 -6.63
CA PRO B 128 -8.98 -12.22 -6.55
C PRO B 128 -10.12 -12.87 -5.78
N GLY B 129 -10.61 -13.99 -6.29
CA GLY B 129 -11.70 -14.70 -5.62
C GLY B 129 -13.10 -14.39 -6.13
N SER B 130 -13.24 -13.30 -6.88
CA SER B 130 -14.54 -12.89 -7.41
C SER B 130 -15.11 -13.78 -8.45
N PRO B 131 -16.43 -13.97 -8.41
CA PRO B 131 -17.06 -14.83 -9.43
C PRO B 131 -17.23 -13.93 -10.69
N ARG B 132 -17.67 -14.49 -11.81
CA ARG B 132 -17.85 -13.69 -13.01
C ARG B 132 -19.32 -13.29 -13.05
N LEU B 133 -19.58 -11.99 -12.89
CA LEU B 133 -20.95 -11.50 -12.85
C LEU B 133 -21.56 -11.43 -14.23
N GLU B 134 -22.85 -11.70 -14.29
CA GLU B 134 -23.60 -11.60 -15.53
C GLU B 134 -23.66 -10.12 -15.90
N PHE B 135 -23.67 -9.82 -17.20
CA PHE B 135 -23.77 -8.45 -17.69
C PHE B 135 -24.77 -8.38 -18.85
N LEU B 136 -25.87 -7.71 -18.59
CA LEU B 136 -26.96 -7.51 -19.55
C LEU B 136 -26.93 -6.04 -19.96
N THR B 137 -27.18 -5.75 -21.23
CA THR B 137 -27.16 -4.37 -21.73
C THR B 137 -28.50 -4.02 -22.34
N GLY B 138 -28.82 -2.73 -22.41
CA GLY B 138 -30.07 -2.31 -23.01
C GLY B 138 -31.01 -1.48 -22.15
N ARG B 139 -30.58 -1.09 -20.94
CA ARG B 139 -31.45 -0.30 -20.06
C ARG B 139 -31.56 1.10 -20.62
N SER B 140 -32.78 1.62 -20.65
CA SER B 140 -33.00 2.97 -21.15
C SER B 140 -32.15 3.93 -20.35
N ASN B 141 -31.72 5.02 -20.97
CA ASN B 141 -30.90 6.03 -20.28
C ASN B 141 -31.75 7.06 -19.53
N SER B 142 -33.06 6.99 -19.73
CA SER B 142 -33.98 7.91 -19.07
C SER B 142 -34.33 7.43 -17.68
N SER B 143 -34.34 8.38 -16.74
CA SER B 143 -34.68 8.05 -15.35
C SER B 143 -35.24 9.29 -14.59
N GLN B 144 -35.99 9.00 -13.52
CA GLN B 144 -36.52 10.00 -12.61
C GLN B 144 -35.71 9.79 -11.30
N PRO B 145 -35.55 10.85 -10.49
CA PRO B 145 -34.80 10.73 -9.23
C PRO B 145 -35.47 9.71 -8.30
N SER B 146 -34.65 8.91 -7.63
CA SER B 146 -35.19 7.92 -6.70
C SER B 146 -35.83 8.66 -5.53
N PRO B 147 -36.91 8.09 -4.94
CA PRO B 147 -37.56 8.71 -3.78
C PRO B 147 -36.52 8.58 -2.65
N PRO B 148 -36.63 9.42 -1.60
CA PRO B 148 -35.66 9.29 -0.51
C PRO B 148 -36.04 8.17 0.45
N SER B 149 -35.15 7.89 1.39
CA SER B 149 -35.41 6.87 2.39
C SER B 149 -35.68 5.42 1.89
N LEU B 150 -35.00 4.99 0.81
CA LEU B 150 -35.18 3.63 0.28
C LEU B 150 -33.92 2.77 0.50
N ILE B 151 -32.84 3.39 0.95
CA ILE B 151 -31.56 2.71 1.18
C ILE B 151 -31.39 2.34 2.65
N PRO B 152 -31.15 1.05 2.95
CA PRO B 152 -30.96 0.60 4.32
C PRO B 152 -29.73 1.28 4.96
N GLY B 153 -29.86 1.65 6.22
CA GLY B 153 -28.76 2.32 6.93
C GLY B 153 -28.14 1.40 7.99
N PRO B 154 -26.91 1.71 8.41
CA PRO B 154 -26.23 0.88 9.43
C PRO B 154 -26.83 0.88 10.83
N GLY B 155 -27.69 1.86 11.13
CA GLY B 155 -28.33 1.95 12.43
C GLY B 155 -29.75 1.38 12.47
N ASN B 156 -30.18 0.82 11.36
CA ASN B 156 -31.52 0.24 11.27
C ASN B 156 -31.60 -1.12 11.93
N THR B 157 -32.78 -1.48 12.41
CA THR B 157 -32.95 -2.80 13.00
C THR B 157 -33.01 -3.87 11.88
N VAL B 158 -32.78 -5.13 12.26
CA VAL B 158 -32.84 -6.21 11.29
C VAL B 158 -34.25 -6.22 10.68
N THR B 159 -35.26 -5.98 11.49
CA THR B 159 -36.63 -5.99 10.97
C THR B 159 -36.79 -4.96 9.87
N ALA B 160 -36.30 -3.75 10.11
CA ALA B 160 -36.45 -2.69 9.11
C ALA B 160 -35.65 -3.00 7.85
N ILE B 161 -34.48 -3.60 8.01
CA ILE B 161 -33.66 -3.93 6.85
C ILE B 161 -34.30 -5.01 6.01
N LEU B 162 -34.90 -6.00 6.66
CA LEU B 162 -35.49 -7.10 5.93
C LEU B 162 -36.75 -6.69 5.24
N ASP B 163 -37.48 -5.76 5.87
CA ASP B 163 -38.72 -5.24 5.30
C ASP B 163 -38.47 -4.37 4.05
N ARG B 164 -37.43 -3.54 4.11
CA ARG B 164 -37.09 -2.69 2.99
C ARG B 164 -36.60 -3.59 1.83
N MET B 165 -35.62 -4.45 2.11
CA MET B 165 -35.08 -5.36 1.09
C MET B 165 -36.15 -6.31 0.57
N GLY B 166 -37.03 -6.74 1.47
CA GLY B 166 -38.11 -7.64 1.11
C GLY B 166 -39.05 -6.95 0.15
N ASP B 167 -39.29 -5.67 0.39
CA ASP B 167 -40.15 -4.86 -0.48
C ASP B 167 -39.55 -4.82 -1.88
N ALA B 168 -38.24 -4.60 -1.97
CA ALA B 168 -37.54 -4.56 -3.25
C ALA B 168 -37.54 -5.93 -3.93
N GLY B 169 -37.78 -6.96 -3.15
CA GLY B 169 -37.85 -8.30 -3.69
C GLY B 169 -36.88 -9.34 -3.19
N PHE B 170 -36.06 -9.01 -2.20
CA PHE B 170 -35.09 -9.98 -1.70
C PHE B 170 -35.55 -10.66 -0.45
N SER B 171 -35.30 -11.96 -0.37
CA SER B 171 -35.63 -12.77 0.82
C SER B 171 -34.51 -12.55 1.87
N PRO B 172 -34.75 -12.97 3.14
CA PRO B 172 -33.68 -12.77 4.12
C PRO B 172 -32.37 -13.46 3.69
N ASP B 173 -32.46 -14.62 3.04
CA ASP B 173 -31.24 -15.32 2.58
C ASP B 173 -30.49 -14.46 1.61
N GLU B 174 -31.24 -13.84 0.71
CA GLU B 174 -30.64 -12.99 -0.33
C GLU B 174 -29.98 -11.75 0.19
N VAL B 175 -30.50 -11.22 1.31
CA VAL B 175 -29.92 -10.05 1.91
C VAL B 175 -28.52 -10.43 2.41
N VAL B 176 -28.43 -11.58 3.08
CA VAL B 176 -27.16 -12.08 3.57
C VAL B 176 -26.22 -12.32 2.35
N ASP B 177 -26.73 -12.95 1.30
CA ASP B 177 -25.92 -13.19 0.09
C ASP B 177 -25.34 -11.90 -0.49
N LEU B 178 -26.18 -10.87 -0.64
CA LEU B 178 -25.74 -9.58 -1.19
C LEU B 178 -24.65 -8.89 -0.40
N LEU B 179 -24.62 -9.16 0.91
CA LEU B 179 -23.63 -8.56 1.82
C LEU B 179 -22.22 -9.14 1.68
N ALA B 180 -22.03 -10.13 0.83
CA ALA B 180 -20.70 -10.70 0.60
C ALA B 180 -19.82 -9.55 0.06
N ALA B 181 -20.45 -8.51 -0.51
CA ALA B 181 -19.70 -7.36 -1.02
C ALA B 181 -18.91 -6.69 0.10
N HIS B 182 -19.33 -6.89 1.35
CA HIS B 182 -18.62 -6.31 2.49
C HIS B 182 -17.28 -6.99 2.76
N SER B 183 -16.97 -8.02 1.97
CA SER B 183 -15.67 -8.68 2.03
C SER B 183 -14.62 -7.86 1.23
N LEU B 184 -15.06 -6.83 0.51
CA LEU B 184 -14.19 -5.94 -0.27
C LEU B 184 -14.61 -4.53 0.19
N ALA B 185 -14.48 -4.24 1.49
CA ALA B 185 -15.02 -2.99 2.00
C ALA B 185 -14.29 -2.31 3.13
N SER B 186 -14.54 -1.02 3.27
CA SER B 186 -14.00 -0.22 4.36
C SER B 186 -15.07 0.83 4.66
N GLN B 187 -14.82 1.72 5.61
CA GLN B 187 -15.73 2.82 5.93
C GLN B 187 -14.87 4.06 5.97
N GLU B 188 -15.40 5.17 5.46
CA GLU B 188 -14.69 6.44 5.46
C GLU B 188 -15.47 7.46 6.30
N GLY B 189 -16.78 7.30 6.32
CA GLY B 189 -17.61 8.25 7.03
C GLY B 189 -18.25 7.90 8.36
N LEU B 190 -18.14 6.66 8.84
CA LEU B 190 -18.74 6.29 10.12
C LEU B 190 -17.83 6.67 11.30
N ASN B 191 -16.51 6.64 11.07
CA ASN B 191 -15.50 6.99 12.06
C ASN B 191 -14.33 7.49 11.25
N SER B 192 -14.34 8.79 10.97
CA SER B 192 -13.28 9.39 10.16
C SER B 192 -11.89 9.33 10.79
N ALA B 193 -11.83 9.06 12.09
CA ALA B 193 -10.56 8.96 12.81
C ALA B 193 -9.80 7.75 12.32
N ILE B 194 -10.52 6.70 11.91
CA ILE B 194 -9.89 5.50 11.36
C ILE B 194 -10.37 5.33 9.93
N PHE B 195 -10.11 6.35 9.13
CA PHE B 195 -10.48 6.41 7.72
C PHE B 195 -9.99 5.14 6.98
N ARG B 196 -10.91 4.48 6.28
CA ARG B 196 -10.65 3.26 5.49
C ARG B 196 -10.29 1.98 6.25
N SER B 197 -10.72 1.91 7.51
CA SER B 197 -10.53 0.74 8.34
C SER B 197 -11.40 -0.31 7.62
N PRO B 198 -10.84 -1.49 7.27
CA PRO B 198 -11.55 -2.56 6.56
C PRO B 198 -12.63 -3.24 7.35
N LEU B 199 -13.58 -3.81 6.63
CA LEU B 199 -14.64 -4.55 7.27
C LEU B 199 -14.21 -5.99 7.49
N ASP B 200 -13.21 -6.46 6.75
CA ASP B 200 -12.67 -7.81 7.00
C ASP B 200 -11.17 -7.76 6.84
N SER B 201 -10.45 -8.83 7.18
CA SER B 201 -8.99 -8.77 7.10
C SER B 201 -8.40 -8.78 5.70
N THR B 202 -9.24 -9.04 4.69
CA THR B 202 -8.78 -9.12 3.30
C THR B 202 -9.67 -8.24 2.39
N PRO B 203 -9.53 -6.91 2.49
CA PRO B 203 -10.33 -5.97 1.70
C PRO B 203 -10.09 -6.03 0.18
N GLN B 204 -9.01 -6.70 -0.24
CA GLN B 204 -8.70 -6.87 -1.67
C GLN B 204 -8.94 -8.31 -2.15
N VAL B 205 -9.55 -9.14 -1.29
CA VAL B 205 -9.86 -10.52 -1.65
C VAL B 205 -11.33 -10.81 -1.42
N PHE B 206 -12.01 -11.31 -2.44
CA PHE B 206 -13.40 -11.61 -2.31
C PHE B 206 -13.44 -13.01 -1.72
N ASP B 207 -13.66 -13.08 -0.40
CA ASP B 207 -13.63 -14.34 0.35
C ASP B 207 -14.63 -14.34 1.54
N THR B 208 -14.69 -15.46 2.25
CA THR B 208 -15.59 -15.61 3.37
C THR B 208 -15.12 -14.95 4.65
N GLN B 209 -13.95 -14.33 4.67
CA GLN B 209 -13.49 -13.71 5.93
C GLN B 209 -14.50 -12.78 6.63
N PHE B 210 -15.26 -12.02 5.85
CA PHE B 210 -16.27 -11.08 6.36
C PHE B 210 -17.26 -11.80 7.28
N TYR B 211 -17.82 -12.91 6.79
CA TYR B 211 -18.80 -13.71 7.52
C TYR B 211 -18.22 -14.32 8.81
N ILE B 212 -16.98 -14.80 8.75
CA ILE B 212 -16.31 -15.41 9.91
C ILE B 212 -16.00 -14.32 10.94
N GLU B 213 -15.30 -13.27 10.51
CA GLU B 213 -14.90 -12.19 11.37
C GLU B 213 -15.98 -11.34 12.06
N THR B 214 -17.15 -11.16 11.43
CA THR B 214 -18.22 -10.43 12.08
C THR B 214 -18.85 -11.31 13.17
N LEU B 215 -18.59 -12.61 13.15
CA LEU B 215 -19.15 -13.53 14.14
C LEU B 215 -18.31 -13.71 15.40
N LEU B 216 -17.08 -13.22 15.38
CA LEU B 216 -16.22 -13.35 16.54
C LEU B 216 -16.70 -12.35 17.60
N LYS B 217 -16.41 -12.66 18.86
CA LYS B 217 -16.77 -11.77 19.95
C LYS B 217 -16.08 -10.39 19.75
N GLY B 218 -16.85 -9.32 19.95
CA GLY B 218 -16.28 -7.98 19.82
C GLY B 218 -15.48 -7.66 21.07
N THR B 219 -14.22 -7.34 20.91
CA THR B 219 -13.41 -7.06 22.10
C THR B 219 -12.61 -5.78 21.98
N THR B 220 -12.51 -5.24 20.76
CA THR B 220 -11.65 -4.13 20.47
C THR B 220 -12.37 -2.91 19.94
N GLN B 221 -11.88 -1.74 20.33
CA GLN B 221 -12.38 -0.46 19.85
C GLN B 221 -11.18 0.00 19.00
N PRO B 222 -11.28 -0.16 17.67
CA PRO B 222 -10.16 0.24 16.81
C PRO B 222 -9.75 1.69 16.75
N GLY B 223 -10.69 2.58 17.04
CA GLY B 223 -10.37 3.99 16.96
C GLY B 223 -10.37 4.70 18.31
N PRO B 224 -10.11 6.02 18.31
CA PRO B 224 -10.06 6.87 19.50
C PRO B 224 -11.40 6.88 20.21
N SER B 225 -12.47 6.73 19.44
CA SER B 225 -13.80 6.66 20.00
C SER B 225 -14.65 5.81 19.08
N LEU B 226 -15.89 5.57 19.49
CA LEU B 226 -16.80 4.79 18.65
C LEU B 226 -17.59 5.76 17.78
N GLY B 227 -17.63 5.50 16.47
CA GLY B 227 -18.36 6.33 15.53
C GLY B 227 -19.82 5.93 15.42
N PHE B 228 -20.51 6.51 14.45
CA PHE B 228 -21.91 6.22 14.26
C PHE B 228 -22.07 4.76 13.85
N ALA B 229 -22.95 4.05 14.56
CA ALA B 229 -23.28 2.63 14.31
C ALA B 229 -22.08 1.69 14.31
N GLU B 230 -21.10 2.02 15.14
CA GLU B 230 -19.90 1.23 15.27
C GLU B 230 -19.98 0.37 16.52
N GLU B 231 -19.68 -0.93 16.36
CA GLU B 231 -19.65 -1.92 17.45
C GLU B 231 -18.19 -2.31 17.69
N LEU B 232 -17.92 -3.00 18.79
CA LEU B 232 -16.54 -3.43 19.04
C LEU B 232 -16.22 -4.51 18.01
N SER B 233 -14.99 -4.50 17.50
CA SER B 233 -14.59 -5.48 16.49
C SER B 233 -13.68 -6.53 17.16
N PRO B 234 -13.16 -7.51 16.41
CA PRO B 234 -12.32 -8.54 17.03
C PRO B 234 -10.83 -8.26 17.09
N PHE B 235 -10.38 -7.23 16.39
CA PHE B 235 -8.97 -6.88 16.39
C PHE B 235 -8.66 -5.49 15.89
N PRO B 236 -7.49 -4.98 16.26
CA PRO B 236 -7.11 -3.63 15.83
C PRO B 236 -7.23 -3.46 14.34
N GLY B 237 -7.59 -2.25 13.92
CA GLY B 237 -7.73 -1.94 12.52
C GLY B 237 -9.02 -2.33 11.84
N GLU B 238 -9.75 -3.32 12.36
CA GLU B 238 -11.02 -3.77 11.79
C GLU B 238 -12.20 -3.00 12.35
N PHE B 239 -13.08 -2.54 11.46
CA PHE B 239 -14.28 -1.80 11.87
C PHE B 239 -15.45 -2.74 11.79
N ARG B 240 -16.38 -2.68 12.74
CA ARG B 240 -17.54 -3.55 12.70
C ARG B 240 -18.78 -2.69 12.73
N MET B 241 -19.65 -2.79 11.74
CA MET B 241 -20.84 -1.97 11.77
C MET B 241 -21.99 -2.72 12.40
N ARG B 242 -22.83 -1.96 13.10
CA ARG B 242 -23.96 -2.49 13.83
C ARG B 242 -24.91 -3.38 13.03
N SER B 243 -25.30 -2.98 11.81
CA SER B 243 -26.24 -3.80 11.04
C SER B 243 -25.65 -5.18 10.69
N ASP B 244 -24.36 -5.22 10.30
CA ASP B 244 -23.68 -6.47 9.98
C ASP B 244 -23.61 -7.36 11.23
N ALA B 245 -23.26 -6.75 12.36
CA ALA B 245 -23.15 -7.49 13.62
C ALA B 245 -24.50 -8.08 14.01
N LEU B 246 -25.58 -7.34 13.78
CA LEU B 246 -26.91 -7.83 14.15
C LEU B 246 -27.37 -8.88 13.17
N LEU B 247 -27.12 -8.66 11.87
CA LEU B 247 -27.55 -9.64 10.85
C LEU B 247 -26.85 -10.98 11.07
N ALA B 248 -25.59 -10.95 11.51
CA ALA B 248 -24.84 -12.17 11.82
C ALA B 248 -25.49 -13.01 12.93
N ARG B 249 -26.06 -12.32 13.91
CA ARG B 249 -26.65 -12.93 15.08
C ARG B 249 -28.15 -13.13 15.17
N ASP B 250 -28.89 -12.44 14.31
CA ASP B 250 -30.36 -12.52 14.29
C ASP B 250 -30.87 -13.91 13.88
N SER B 251 -31.85 -14.46 14.59
CA SER B 251 -32.37 -15.78 14.24
C SER B 251 -32.88 -15.91 12.80
N ARG B 252 -33.32 -14.82 12.19
CA ARG B 252 -33.85 -14.88 10.84
C ARG B 252 -32.76 -15.01 9.79
N THR B 253 -31.56 -14.54 10.10
CA THR B 253 -30.45 -14.55 9.16
C THR B 253 -29.17 -15.31 9.58
N ALA B 254 -29.09 -15.75 10.82
CA ALA B 254 -27.88 -16.41 11.33
C ALA B 254 -27.44 -17.70 10.65
N CYS B 255 -28.39 -18.55 10.30
CA CYS B 255 -28.02 -19.80 9.67
C CYS B 255 -27.43 -19.56 8.27
N ARG B 256 -28.00 -18.63 7.52
CA ARG B 256 -27.47 -18.32 6.20
C ARG B 256 -26.10 -17.73 6.36
N TRP B 257 -25.93 -16.79 7.30
CA TRP B 257 -24.63 -16.13 7.54
C TRP B 257 -23.53 -17.15 7.86
N GLN B 258 -23.91 -18.10 8.70
CA GLN B 258 -23.03 -19.18 9.17
C GLN B 258 -22.62 -20.12 8.02
N SER B 259 -23.58 -20.45 7.16
CA SER B 259 -23.29 -21.31 6.02
C SER B 259 -22.37 -20.63 4.98
N MET B 260 -22.18 -19.33 5.11
CA MET B 260 -21.31 -18.59 4.19
C MET B 260 -19.87 -18.59 4.66
N THR B 261 -19.57 -19.18 5.81
CA THR B 261 -18.20 -19.09 6.32
C THR B 261 -17.19 -20.05 5.73
N SER B 262 -17.65 -21.26 5.41
CA SER B 262 -16.77 -22.34 4.98
C SER B 262 -16.38 -22.51 3.52
N SER B 263 -17.12 -21.94 2.58
CA SER B 263 -16.77 -22.14 1.19
C SER B 263 -16.85 -20.87 0.36
N ASN B 264 -15.71 -20.44 -0.15
CA ASN B 264 -15.66 -19.26 -1.01
C ASN B 264 -16.48 -19.50 -2.28
N GLU B 265 -16.51 -20.76 -2.72
CA GLU B 265 -17.23 -21.15 -3.93
C GLU B 265 -18.73 -20.96 -3.75
N VAL B 266 -19.27 -21.50 -2.68
CA VAL B 266 -20.70 -21.35 -2.41
C VAL B 266 -21.09 -19.88 -2.18
N MET B 267 -20.23 -19.13 -1.51
CA MET B 267 -20.50 -17.71 -1.28
C MET B 267 -20.58 -17.00 -2.65
N GLY B 268 -19.57 -17.24 -3.49
CA GLY B 268 -19.51 -16.64 -4.82
C GLY B 268 -20.73 -16.95 -5.68
N GLN B 269 -21.17 -18.21 -5.66
CA GLN B 269 -22.34 -18.63 -6.40
C GLN B 269 -23.55 -17.81 -5.98
N ARG B 270 -23.80 -17.78 -4.68
CA ARG B 270 -24.96 -17.07 -4.12
C ARG B 270 -24.91 -15.58 -4.39
N TYR B 271 -23.75 -14.97 -4.26
CA TYR B 271 -23.64 -13.56 -4.53
C TYR B 271 -23.96 -13.22 -5.98
N ARG B 272 -23.44 -14.02 -6.90
CA ARG B 272 -23.65 -13.79 -8.33
C ARG B 272 -25.13 -13.83 -8.67
N ALA B 273 -25.84 -14.79 -8.09
CA ALA B 273 -27.28 -14.92 -8.35
C ALA B 273 -28.08 -13.73 -7.83
N ALA B 274 -27.77 -13.29 -6.60
CA ALA B 274 -28.48 -12.15 -6.02
C ALA B 274 -28.14 -10.88 -6.78
N MET B 275 -26.89 -10.74 -7.20
CA MET B 275 -26.50 -9.55 -7.96
C MET B 275 -27.23 -9.51 -9.32
N ALA B 276 -27.39 -10.67 -9.98
CA ALA B 276 -28.08 -10.75 -11.28
C ALA B 276 -29.50 -10.26 -11.09
N LYS B 277 -30.09 -10.64 -9.96
CA LYS B 277 -31.44 -10.25 -9.60
C LYS B 277 -31.55 -8.75 -9.36
N MET B 278 -30.59 -8.20 -8.62
CA MET B 278 -30.56 -6.79 -8.30
C MET B 278 -30.29 -5.95 -9.54
N SER B 279 -29.53 -6.51 -10.49
CA SER B 279 -29.16 -5.80 -11.72
C SER B 279 -30.35 -5.42 -12.60
N VAL B 280 -31.47 -6.11 -12.45
CA VAL B 280 -32.61 -5.80 -13.29
C VAL B 280 -33.84 -5.30 -12.53
N LEU B 281 -33.65 -4.73 -11.34
CA LEU B 281 -34.79 -4.20 -10.59
C LEU B 281 -35.27 -3.00 -11.42
N GLY B 282 -36.56 -3.01 -11.75
CA GLY B 282 -37.13 -1.96 -12.56
C GLY B 282 -37.07 -2.25 -14.06
N PHE B 283 -36.65 -3.46 -14.42
CA PHE B 283 -36.52 -3.88 -15.82
C PHE B 283 -37.00 -5.31 -16.05
N ASP B 284 -37.18 -5.65 -17.34
CA ASP B 284 -37.60 -6.97 -17.78
C ASP B 284 -36.32 -7.55 -18.38
N ARG B 285 -35.72 -8.53 -17.73
CA ARG B 285 -34.46 -9.07 -18.27
C ARG B 285 -34.62 -9.65 -19.66
N ASN B 286 -35.82 -10.08 -20.02
CA ASN B 286 -36.06 -10.63 -21.35
C ASN B 286 -35.95 -9.53 -22.41
N ALA B 287 -35.97 -8.27 -22.01
CA ALA B 287 -35.87 -7.17 -22.96
C ALA B 287 -34.42 -6.75 -23.20
N LEU B 288 -33.52 -7.27 -22.36
CA LEU B 288 -32.11 -6.94 -22.42
C LEU B 288 -31.29 -7.96 -23.18
N THR B 289 -30.09 -7.58 -23.59
CA THR B 289 -29.21 -8.45 -24.34
C THR B 289 -28.01 -8.85 -23.49
N ASP B 290 -27.70 -10.13 -23.49
CA ASP B 290 -26.61 -10.71 -22.71
C ASP B 290 -25.22 -10.50 -23.34
N CYS B 291 -24.40 -9.72 -22.65
CA CYS B 291 -23.04 -9.47 -23.08
C CYS B 291 -22.07 -9.95 -21.99
N SER B 292 -22.44 -11.00 -21.26
CA SER B 292 -21.59 -11.50 -20.19
C SER B 292 -20.22 -11.92 -20.67
N ASP B 293 -20.11 -12.22 -21.97
CA ASP B 293 -18.81 -12.65 -22.51
C ASP B 293 -17.74 -11.57 -22.52
N VAL B 294 -18.13 -10.31 -22.35
CA VAL B 294 -17.11 -9.27 -22.36
C VAL B 294 -16.37 -9.22 -21.03
N ILE B 295 -16.98 -9.80 -20.00
CA ILE B 295 -16.39 -9.72 -18.66
C ILE B 295 -15.20 -10.66 -18.42
N PRO B 296 -14.05 -10.12 -17.98
CA PRO B 296 -12.83 -10.88 -17.68
C PRO B 296 -13.06 -11.75 -16.46
N SER B 297 -12.17 -12.74 -16.26
CA SER B 297 -12.23 -13.64 -15.12
C SER B 297 -11.26 -13.12 -14.09
N ALA B 298 -11.56 -13.32 -12.82
CA ALA B 298 -10.66 -12.85 -11.75
C ALA B 298 -9.63 -13.94 -11.45
N VAL B 299 -8.50 -13.59 -10.86
CA VAL B 299 -7.56 -14.62 -10.51
C VAL B 299 -8.13 -15.37 -9.31
N SER B 300 -7.80 -16.66 -9.19
CA SER B 300 -8.27 -17.49 -8.09
C SER B 300 -7.68 -17.13 -6.74
N ASN B 301 -8.45 -17.36 -5.70
CA ASN B 301 -8.00 -17.13 -4.36
C ASN B 301 -7.91 -18.55 -3.86
N ASN B 302 -6.69 -18.99 -3.53
CA ASN B 302 -6.49 -20.35 -3.02
C ASN B 302 -6.32 -20.47 -1.51
N ALA B 303 -6.35 -19.35 -0.81
CA ALA B 303 -6.23 -19.37 0.65
C ALA B 303 -7.51 -20.02 1.20
N ALA B 304 -7.40 -20.77 2.30
CA ALA B 304 -8.59 -21.39 2.87
C ALA B 304 -9.18 -20.46 3.90
N PRO B 305 -10.48 -20.57 4.16
CA PRO B 305 -11.12 -19.71 5.18
C PRO B 305 -10.42 -20.06 6.51
N VAL B 306 -10.07 -19.05 7.31
CA VAL B 306 -9.41 -19.28 8.61
C VAL B 306 -9.92 -18.33 9.71
N ILE B 307 -9.85 -18.77 10.96
CA ILE B 307 -10.20 -17.93 12.10
C ILE B 307 -8.82 -17.35 12.36
N PRO B 308 -8.63 -16.05 12.15
CA PRO B 308 -7.30 -15.50 12.37
C PRO B 308 -6.77 -15.17 13.76
N GLY B 309 -5.46 -14.95 13.79
CA GLY B 309 -4.76 -14.49 14.97
C GLY B 309 -4.88 -15.13 16.31
N GLY B 310 -4.97 -16.44 16.35
CA GLY B 310 -5.04 -17.12 17.63
C GLY B 310 -6.42 -17.31 18.18
N LEU B 311 -7.44 -16.86 17.45
CA LEU B 311 -8.79 -17.03 17.94
C LEU B 311 -9.26 -18.40 17.48
N THR B 312 -10.26 -18.94 18.15
CA THR B 312 -10.76 -20.26 17.82
C THR B 312 -12.27 -20.20 17.74
N VAL B 313 -12.89 -21.35 17.57
CA VAL B 313 -14.33 -21.41 17.50
C VAL B 313 -14.97 -21.01 18.82
N ASP B 314 -14.18 -20.99 19.90
CA ASP B 314 -14.72 -20.60 21.20
C ASP B 314 -14.97 -19.11 21.18
N ASP B 315 -14.28 -18.42 20.28
CA ASP B 315 -14.41 -16.98 20.14
C ASP B 315 -15.52 -16.60 19.18
N ILE B 316 -16.18 -17.60 18.63
CA ILE B 316 -17.25 -17.38 17.68
C ILE B 316 -18.59 -17.39 18.44
N GLU B 317 -19.41 -16.36 18.23
CA GLU B 317 -20.71 -16.29 18.89
C GLU B 317 -21.70 -17.02 18.03
N VAL B 318 -21.62 -18.35 18.05
CA VAL B 318 -22.50 -19.22 17.25
C VAL B 318 -23.96 -18.82 17.45
N SER B 319 -24.66 -18.52 16.35
CA SER B 319 -26.05 -18.09 16.39
C SER B 319 -27.06 -18.94 15.63
N CYS B 320 -26.60 -20.02 15.00
CA CYS B 320 -27.49 -20.92 14.28
C CYS B 320 -27.60 -22.27 15.00
N PRO B 321 -28.62 -22.40 15.84
CA PRO B 321 -28.87 -23.64 16.62
C PRO B 321 -29.04 -24.93 15.80
N SER B 322 -29.72 -24.85 14.67
CA SER B 322 -29.99 -26.00 13.83
C SER B 322 -28.79 -26.60 13.10
N GLU B 323 -27.68 -25.90 13.06
CA GLU B 323 -26.53 -26.42 12.35
C GLU B 323 -25.23 -26.14 13.09
N PRO B 324 -24.39 -27.18 13.25
CA PRO B 324 -23.10 -27.05 13.93
C PRO B 324 -22.13 -26.12 13.14
N PHE B 325 -21.38 -25.30 13.87
CA PHE B 325 -20.47 -24.40 13.20
C PHE B 325 -19.48 -25.22 12.38
N PRO B 326 -19.29 -24.84 11.11
CA PRO B 326 -18.36 -25.59 10.28
C PRO B 326 -16.90 -25.61 10.78
N GLU B 327 -16.20 -26.69 10.49
CA GLU B 327 -14.81 -26.84 10.91
C GLU B 327 -13.96 -26.05 9.95
N ILE B 328 -13.27 -25.02 10.41
CA ILE B 328 -12.41 -24.31 9.47
C ILE B 328 -11.04 -24.18 10.06
N ALA B 329 -10.07 -23.81 9.25
CA ALA B 329 -8.71 -23.64 9.69
C ALA B 329 -8.55 -22.48 10.69
N THR B 330 -7.65 -22.64 11.65
CA THR B 330 -7.40 -21.59 12.63
C THR B 330 -5.92 -21.27 12.61
N ALA B 331 -5.60 -19.99 12.49
CA ALA B 331 -4.21 -19.56 12.44
C ALA B 331 -3.69 -19.40 13.84
N SER B 332 -2.38 -19.25 13.97
CA SER B 332 -1.74 -19.05 15.26
C SER B 332 -1.64 -17.56 15.49
N GLY B 333 -1.66 -17.13 16.74
CA GLY B 333 -1.59 -15.71 17.07
C GLY B 333 -0.26 -15.09 16.68
N PRO B 334 -0.03 -13.81 17.02
CA PRO B 334 -0.96 -12.96 17.73
C PRO B 334 -2.07 -12.37 16.83
N LEU B 335 -2.93 -11.56 17.45
CA LEU B 335 -4.02 -10.93 16.75
C LEU B 335 -3.40 -10.02 15.71
N PRO B 336 -4.02 -9.94 14.51
CA PRO B 336 -3.48 -9.07 13.47
C PRO B 336 -3.87 -7.61 13.74
N SER B 337 -3.21 -6.69 13.05
CA SER B 337 -3.55 -5.29 13.19
C SER B 337 -3.68 -4.85 11.73
N LEU B 338 -4.91 -4.53 11.34
CA LEU B 338 -5.18 -4.17 9.96
C LEU B 338 -4.77 -2.81 9.53
N ALA B 339 -4.18 -2.78 8.35
CA ALA B 339 -3.79 -1.55 7.71
C ALA B 339 -5.07 -1.07 7.01
N PRO B 340 -5.15 0.24 6.73
CA PRO B 340 -6.33 0.76 6.04
C PRO B 340 -6.33 0.15 4.65
N ALA B 341 -7.53 -0.04 4.08
CA ALA B 341 -7.74 -0.55 2.73
C ALA B 341 -7.15 0.47 1.75
N PRO B 342 -6.57 -0.01 0.63
CA PRO B 342 -5.94 0.80 -0.42
C PRO B 342 -6.88 1.72 -1.20
C1 NAG C . 14.30 19.44 -15.25
C2 NAG C . 14.98 20.00 -16.48
C3 NAG C . 15.93 21.14 -16.04
C4 NAG C . 15.13 22.19 -15.26
C5 NAG C . 14.46 21.61 -14.15
C6 NAG C . 13.64 22.60 -13.30
C7 NAG C . 15.26 18.31 -18.30
C8 NAG C . 16.20 17.31 -18.93
N2 NAG C . 15.71 18.98 -17.24
O3 NAG C . 16.62 21.76 -17.08
O4 NAG C . 15.98 23.10 -14.68
O5 NAG C . 13.60 20.50 -14.61
O6 NAG C . 12.68 21.91 -12.52
O7 NAG C . 14.12 18.47 -18.77
C1 NAG C . 16.21 24.43 -15.16
C2 NAG C . 16.98 25.13 -14.06
C3 NAG C . 17.46 26.50 -14.56
C4 NAG C . 18.31 26.45 -15.93
C5 NAG C . 17.40 25.65 -16.91
C6 NAG C . 18.13 25.35 -18.20
C7 NAG C . 16.27 24.56 -11.75
C8 NAG C . 15.30 24.73 -10.57
N2 NAG C . 16.11 25.26 -12.88
O3 NAG C . 18.29 27.05 -13.54
O4 NAG C . 18.74 27.77 -16.46
O5 NAG C . 17.04 24.37 -16.30
O6 NAG C . 17.45 24.33 -18.92
O7 NAG C . 17.16 23.75 -11.59
C1 NAG D . -28.12 9.93 -20.66
C2 NAG D . -27.39 10.51 -21.83
C3 NAG D . -26.45 11.58 -21.40
C4 NAG D . -27.14 12.67 -20.58
C5 NAG D . -27.87 12.04 -19.49
C6 NAG D . -28.68 13.00 -18.75
C7 NAG D . -26.93 8.77 -23.53
C8 NAG D . -25.79 7.87 -23.97
N2 NAG D . -26.56 9.52 -22.50
O3 NAG D . -25.80 12.18 -22.46
O4 NAG D . -26.10 13.50 -20.02
O5 NAG D . -28.77 10.99 -19.97
O6 NAG D . -29.31 12.23 -17.70
O7 NAG D . -28.07 8.81 -24.01
C1 NAG D . -25.98 14.81 -20.45
C2 NAG D . -25.22 15.54 -19.36
C3 NAG D . -24.85 16.95 -19.82
C4 NAG D . -24.04 16.97 -21.20
C5 NAG D . -24.87 16.08 -22.19
C6 NAG D . -23.99 15.69 -23.39
C7 NAG D . -26.01 14.96 -17.04
C8 NAG D . -27.02 15.15 -15.89
N2 NAG D . -26.10 15.62 -18.19
O3 NAG D . -23.99 17.51 -18.81
O4 NAG D . -23.73 18.35 -21.73
O5 NAG D . -25.29 14.79 -21.64
O6 NAG D . -24.82 14.89 -24.17
O7 NAG D . -25.13 14.14 -16.80
CHA HEM E . 23.08 10.16 8.30
CHB HEM E . 18.68 9.86 10.41
CHC HEM E . 17.29 6.22 7.45
CHD HEM E . 21.26 7.17 4.81
C1A HEM E . 21.94 10.53 8.99
C2A HEM E . 21.85 11.53 9.99
C3A HEM E . 20.58 11.47 10.53
C4A HEM E . 19.93 10.36 9.96
CMA HEM E . 19.97 12.41 11.55
CAA HEM E . 22.96 12.45 10.43
CBA HEM E . 23.13 13.47 9.34
CGA HEM E . 24.00 14.65 9.75
O1A HEM E . 23.78 15.21 10.84
O2A HEM E . 24.92 15.03 9.00
C1B HEM E . 17.96 8.77 9.87
C2B HEM E . 16.73 8.36 10.32
C3B HEM E . 16.40 7.27 9.54
C4B HEM E . 17.42 7.07 8.58
CMB HEM E . 15.84 8.89 11.45
CAB HEM E . 15.16 6.59 9.52
CBB HEM E . 14.70 5.43 10.18
C1C HEM E . 18.22 6.25 6.36
C2C HEM E . 18.06 5.61 5.06
C3C HEM E . 19.11 5.94 4.28
C4C HEM E . 19.98 6.74 5.17
CMC HEM E . 16.86 4.69 4.74
CAC HEM E . 19.44 5.69 2.90
CBC HEM E . 19.14 4.54 2.22
C1D HEM E . 22.13 7.99 5.55
C2D HEM E . 23.52 8.19 5.25
C3D HEM E . 23.99 9.07 6.19
C4D HEM E . 22.92 9.34 7.12
CMD HEM E . 24.41 7.46 4.22
CAD HEM E . 25.42 9.60 6.29
CBD HEM E . 25.56 11.04 5.88
CGD HEM E . 26.97 11.54 6.02
O1D HEM E . 27.26 12.70 5.64
O2D HEM E . 27.82 10.79 6.53
NA HEM E . 20.77 9.80 8.95
NB HEM E . 18.38 8.02 8.75
NC HEM E . 19.39 6.99 6.39
ND HEM E . 21.76 8.67 6.72
FE HEM E . 20.13 8.34 7.78
CA CA F . 10.65 13.81 -3.75
CA CA G . 30.53 -0.01 7.51
C1 BMA H . 39.97 8.14 18.99
C2 BMA H . 39.30 9.26 19.68
C3 BMA H . 38.48 9.81 18.54
C4 BMA H . 39.60 10.27 17.47
C5 BMA H . 40.83 9.31 17.17
C6 BMA H . 42.02 10.16 16.62
O2 BMA H . 40.30 10.15 20.24
O3 BMA H . 37.63 10.84 19.08
O4 BMA H . 38.98 10.37 16.26
O5 BMA H . 41.17 8.65 18.43
O6 BMA H . 43.01 9.43 15.92
MG MG I . 34.36 -7.24 29.50
CHA HEM J . -19.58 0.29 2.83
CHB HEM J . -23.96 0.02 4.83
CHC HEM J . -25.36 -3.58 1.96
CHD HEM J . -21.34 -2.61 -0.67
C1A HEM J . -20.67 0.57 3.63
C2A HEM J . -20.77 1.59 4.68
C3A HEM J . -22.06 1.57 5.16
C4A HEM J . -22.76 0.53 4.45
CMA HEM J . -22.71 2.61 6.08
CAA HEM J . -19.68 2.55 5.09
CBA HEM J . -19.45 3.58 4.02
CGA HEM J . -18.54 4.73 4.47
O1A HEM J . -18.80 5.35 5.52
O2A HEM J . -17.60 5.06 3.75
C1B HEM J . -24.67 -1.11 4.36
C2B HEM J . -25.91 -1.53 4.84
C3B HEM J . -26.28 -2.55 4.06
C4B HEM J . -25.26 -2.75 3.11
CMB HEM J . -26.71 -0.91 6.03
CAB HEM J . -27.49 -3.16 4.01
CBB HEM J . -27.98 -4.30 4.64
C1C HEM J . -24.39 -3.56 0.91
C2C HEM J . -24.56 -4.20 -0.40
C3C HEM J . -23.49 -3.87 -1.18
C4C HEM J . -22.63 -3.04 -0.31
CMC HEM J . -25.81 -5.04 -0.71
CAC HEM J . -23.13 -4.22 -2.50
CBC HEM J . -23.65 -5.22 -3.24
C1D HEM J . -20.49 -1.91 0.12
C2D HEM J . -19.10 -1.69 -0.16
C3D HEM J . -18.63 -0.83 0.79
C4D HEM J . -19.71 -0.58 1.70
CMD HEM J . -18.26 -2.38 -1.27
CAD HEM J . -17.23 -0.23 0.98
CBD HEM J . -17.03 1.17 0.52
CGD HEM J . -15.59 1.64 0.68
O1D HEM J . -15.30 2.81 0.37
O2D HEM J . -14.72 0.85 1.11
NA HEM J . -21.89 -0.06 3.45
NB HEM J . -24.27 -1.88 3.30
NC HEM J . -23.22 -2.84 0.95
ND HEM J . -20.87 -1.27 1.32
FE HEM J . -22.53 -1.54 2.30
CA CA K . -31.83 4.18 -9.20
CA CA L . -12.27 -10.03 2.06
C1 BMA M . -3.03 -2.17 13.74
C2 BMA M . -3.65 -0.97 14.43
C3 BMA M . -4.42 -0.37 13.24
C4 BMA M . -3.24 0.05 12.19
C5 BMA M . -2.20 -1.11 11.82
C6 BMA M . -0.94 -0.84 11.02
O2 BMA M . -2.54 -0.22 14.96
O3 BMA M . -5.35 0.66 13.61
O4 BMA M . -3.90 0.43 11.00
O5 BMA M . -1.80 -1.74 13.09
O6 BMA M . -0.16 0.08 11.75
#